data_7XTC
#
_entry.id   7XTC
#
loop_
_entity.id
_entity.type
_entity.pdbx_description
1 polymer 'Guanine nucleotide-binding protein G(s) subunit alpha isoforms short'
2 polymer 'Guanine nucleotide-binding protein G(I)/G(S)/G(T) subunit beta-1'
3 polymer 'Guanine nucleotide-binding protein G(I)/G(S)/G(O) subunit gamma-2'
4 polymer Nanobody35
5 polymer 'Soluble cytochrome b562,5-hydroxytryptamine receptor 7'
6 non-polymer 3-(2-azanylethyl)-1H-indole-5-carboxamide
7 non-polymer CHOLESTEROL
#
loop_
_entity_poly.entity_id
_entity_poly.type
_entity_poly.pdbx_seq_one_letter_code
_entity_poly.pdbx_strand_id
1 'polypeptide(L)'
;MGCLGNSKTEDQRNEEKAQREANKKIEKQLQKDKQVYRATHRLLLLGAGESGKNTIVKQMRILHVNGFNGEGGEEDPQAA
RSNSDGEKATKVQDIKNNLKEAIETIVAAMSNLVPPVELANPENQFRVDYILSVMNVPDFDFPPEFYEHAKALWEDEGVR
ACYERSNEYQLIDCAQYFLDKIDVIKQADYVPSDQDLLRCRVLTSGIFETKFQVDKVNFHMFDVGAQRDERRKWIQCFND
VTAIIFVVASSSYNMVIREDNQTNRLQAALKLFDSIWNNKWLRDTSVILFLNKQDLLAEKVLAGKSKIEDYFPEFARYTT
PEDATPEPGEDPRVTRAKYFIRDEFLRISTASGDGRHYCYPHFTCAVDTENIRRVFNDCRDIIQRMHLRQYELL
;
A
2 'polypeptide(L)'
;MGSLLQSELDQLRQEAEQLKNQIRDARKACADATLSQITNNIDPVGRIQMRTRRTLRGHLAKIYAMHWGTDSRLLVSASQ
DGKLIIWDSYTTNKVHAIPLRSSWVMTCAYAPSGNYVACGGLDNICSIYNLKTREGNVRVSRELAGHTGYLSCCRFLDDN
QIVTSSGDTTCALWDIETGQQTTTFTGHTGDVMSLSLAPDTRLFVSGACDASAKLWDVREGMCRQTFTGHESDINAICFF
PNGNAFATGSDDATCRLFDLRADQELMTYSHDNIICGITSVSFSKSGRLLLAGYDDFNCNVWDALKADRAGVLAGHDNRV
SCLGVTDDGMAVATGSWDSFLKIWN
;
B
3 'polypeptide(L)' MASNNTASIAQARKLVEQLKMEANIDRIKVSKAAADLMAYCEAHAKEDPLLTPVPASENPFREKKFFCAIL G
4 'polypeptide(L)'
;MQVQLQESGGGLVQPGGSLRLSCAASGFTFSNYKMNWVRQAPGKGLEWVSDISQSGASISYTGSVKGRFTISRDNAKNTL
YLQMNSLKPEDTAVYYCARCPAPFTRDCFDVTSTTYAYRGQGTQVTVSSHHHHHHEPEA
;
N
5 'polypeptide(L)'
;DYKDDDDAKLQTMHHHHHHHHHHHHHHHADLEDNWETLNDNLKVIEKADNAAQVKDALTKMRAAALDAQKATPPKLEDKS
PDSPEMKDFRHGFDILVGQIDDALKLANEGKVKEAQAAAEQLKTTRNAYIQKYLASENLYFQGGTMDVNSSGRPDLYGHL
RSFLLPEVGRGLPDLSPDGGADPVAGSWAPHLLSEVTASPAPTWDAPPDNASGCGEQINYGRVEKVVIGSILTLITLLTI
AGNCLVVISVCFVKKLRQPSNYLIVSLALADLSVAVAVMPFVSVTDLIGGKWIFGHFFCNVFIAMDVMCCTASIMTLCVI
SIDRYLGITRPLTYPVRQNGKCMAKMILSVWLLSASITLPPLFGWAQNVNDDKVCLISQDFGYTIYSTAVAFYIPMSVML
FMYYQIYKAARKSAAKHKFPGFPRVEPDSVIALNGIVKLQKEVEECANLSRLLKHERKNISIFKREQKAATTLGIIVGAF
TVCWLPFFLLSTARPFICGTSCSCIPLWVERTFLWLGYANSLINPFIYAFFNRDLRTTYRSLLQCQYRNINRKLSAAGMH
EALKLAERPERPEFVL
;
R
#
# COMPACT_ATOMS: atom_id res chain seq x y z
N THR A 9 -44.13 -10.96 10.33
CA THR A 9 -43.97 -9.65 9.65
C THR A 9 -43.49 -9.84 8.21
N GLU A 10 -44.46 -10.07 7.31
CA GLU A 10 -44.12 -10.28 5.91
C GLU A 10 -43.44 -9.08 5.28
N ASP A 11 -43.79 -7.86 5.70
CA ASP A 11 -43.15 -6.68 5.15
C ASP A 11 -41.65 -6.70 5.39
N GLN A 12 -41.20 -7.34 6.46
CA GLN A 12 -39.77 -7.42 6.75
C GLN A 12 -39.13 -8.61 6.05
N ARG A 13 -39.81 -9.76 6.05
CA ARG A 13 -39.24 -10.95 5.41
C ARG A 13 -39.07 -10.76 3.92
N ASN A 14 -40.05 -10.15 3.25
CA ASN A 14 -39.93 -9.91 1.82
C ASN A 14 -38.75 -9.00 1.53
N GLU A 15 -38.60 -7.93 2.32
CA GLU A 15 -37.49 -7.01 2.11
C GLU A 15 -36.14 -7.70 2.34
N GLU A 16 -36.04 -8.51 3.38
CA GLU A 16 -34.81 -9.24 3.67
C GLU A 16 -34.48 -10.28 2.60
N LYS A 17 -35.49 -10.92 2.00
CA LYS A 17 -35.24 -11.86 0.91
C LYS A 17 -34.81 -11.14 -0.35
N ALA A 18 -35.44 -10.00 -0.65
CA ALA A 18 -35.03 -9.21 -1.82
C ALA A 18 -33.61 -8.70 -1.66
N GLN A 19 -33.25 -8.24 -0.46
CA GLN A 19 -31.90 -7.76 -0.22
C GLN A 19 -30.86 -8.87 -0.31
N ARG A 20 -31.22 -10.10 0.06
CA ARG A 20 -30.30 -11.22 -0.09
C ARG A 20 -30.16 -11.66 -1.54
N GLU A 21 -31.26 -11.63 -2.31
CA GLU A 21 -31.18 -11.93 -3.73
C GLU A 21 -30.31 -10.90 -4.46
N ALA A 22 -30.50 -9.62 -4.13
CA ALA A 22 -29.67 -8.57 -4.73
C ALA A 22 -28.21 -8.75 -4.33
N ASN A 23 -27.97 -9.10 -3.07
CA ASN A 23 -26.60 -9.34 -2.62
C ASN A 23 -25.97 -10.50 -3.38
N LYS A 24 -26.73 -11.57 -3.61
CA LYS A 24 -26.21 -12.71 -4.35
C LYS A 24 -25.87 -12.32 -5.79
N LYS A 25 -26.76 -11.56 -6.44
CA LYS A 25 -26.48 -11.13 -7.81
C LYS A 25 -25.24 -10.25 -7.87
N ILE A 26 -25.13 -9.29 -6.94
CA ILE A 26 -23.97 -8.41 -6.91
C ILE A 26 -22.70 -9.22 -6.66
N GLU A 27 -22.79 -10.23 -5.78
CA GLU A 27 -21.63 -11.07 -5.50
C GLU A 27 -21.21 -11.88 -6.73
N LYS A 28 -22.16 -12.39 -7.49
CA LYS A 28 -21.81 -13.10 -8.71
C LYS A 28 -21.13 -12.17 -9.72
N GLN A 29 -21.68 -10.98 -9.91
CA GLN A 29 -21.06 -10.02 -10.82
C GLN A 29 -19.66 -9.64 -10.35
N LEU A 30 -19.50 -9.43 -9.04
CA LEU A 30 -18.19 -9.07 -8.50
C LEU A 30 -17.21 -10.23 -8.61
N GLN A 31 -17.68 -11.47 -8.47
CA GLN A 31 -16.81 -12.62 -8.69
C GLN A 31 -16.32 -12.69 -10.13
N LYS A 32 -17.20 -12.45 -11.10
CA LYS A 32 -16.75 -12.42 -12.49
C LYS A 32 -15.74 -11.29 -12.71
N ASP A 33 -16.03 -10.11 -12.16
CA ASP A 33 -15.09 -9.00 -12.24
C ASP A 33 -13.77 -9.33 -11.56
N LYS A 34 -13.80 -10.21 -10.56
CA LYS A 34 -12.56 -10.62 -9.89
C LYS A 34 -11.67 -11.40 -10.85
N GLN A 35 -12.24 -12.35 -11.58
CA GLN A 35 -11.46 -13.05 -12.59
C GLN A 35 -10.95 -12.09 -13.65
N VAL A 36 -11.79 -11.15 -14.08
CA VAL A 36 -11.36 -10.18 -15.07
C VAL A 36 -10.17 -9.38 -14.55
N TYR A 37 -10.24 -8.94 -13.30
CA TYR A 37 -9.17 -8.11 -12.72
C TYR A 37 -7.89 -8.91 -12.54
N ARG A 38 -7.98 -10.13 -12.02
CA ARG A 38 -6.78 -10.94 -11.81
C ARG A 38 -6.12 -11.28 -13.14
N ALA A 39 -6.92 -11.53 -14.19
CA ALA A 39 -6.33 -11.80 -15.50
C ALA A 39 -5.54 -10.59 -16.00
N THR A 40 -6.01 -9.38 -15.69
CA THR A 40 -5.38 -8.18 -16.21
C THR A 40 -4.14 -7.81 -15.39
N HIS A 41 -3.18 -7.18 -16.07
CA HIS A 41 -1.99 -6.62 -15.44
C HIS A 41 -1.95 -5.12 -15.67
N ARG A 42 -1.39 -4.39 -14.71
CA ARG A 42 -1.35 -2.93 -14.74
C ARG A 42 0.10 -2.45 -14.72
N LEU A 43 0.37 -1.39 -15.49
CA LEU A 43 1.70 -0.80 -15.59
C LEU A 43 1.59 0.71 -15.49
N LEU A 44 2.66 1.34 -15.00
CA LEU A 44 2.76 2.79 -14.90
C LEU A 44 3.90 3.26 -15.78
N LEU A 45 3.65 4.30 -16.58
CA LEU A 45 4.67 4.90 -17.42
C LEU A 45 5.08 6.23 -16.80
N LEU A 46 6.37 6.39 -16.54
CA LEU A 46 6.89 7.61 -15.93
C LEU A 46 8.03 8.16 -16.78
N GLY A 47 8.72 9.18 -16.28
CA GLY A 47 9.85 9.75 -16.99
C GLY A 47 9.76 11.26 -17.11
N ALA A 48 10.83 11.83 -17.67
CA ALA A 48 10.90 13.28 -17.83
C ALA A 48 9.99 13.74 -18.97
N GLY A 49 9.80 15.05 -19.05
CA GLY A 49 8.91 15.61 -20.06
C GLY A 49 9.40 15.39 -21.48
N GLU A 50 10.69 15.61 -21.73
CA GLU A 50 11.24 15.53 -23.08
C GLU A 50 11.59 14.10 -23.49
N SER A 51 11.44 13.13 -22.59
CA SER A 51 11.79 11.75 -22.92
C SER A 51 10.92 11.24 -24.07
N GLY A 52 11.27 10.06 -24.57
CA GLY A 52 10.57 9.45 -25.67
C GLY A 52 9.32 8.70 -25.31
N LYS A 53 8.78 8.92 -24.11
CA LYS A 53 7.59 8.18 -23.69
C LYS A 53 6.44 8.37 -24.66
N ASN A 54 6.31 9.58 -25.21
CA ASN A 54 5.22 9.82 -26.16
C ASN A 54 5.34 8.95 -27.40
N THR A 55 6.53 8.88 -28.00
CA THR A 55 6.72 8.04 -29.18
C THR A 55 6.58 6.56 -28.84
N ILE A 56 7.03 6.15 -27.65
CA ILE A 56 6.88 4.76 -27.25
C ILE A 56 5.40 4.40 -27.13
N VAL A 57 4.61 5.28 -26.52
CA VAL A 57 3.17 5.05 -26.43
C VAL A 57 2.55 5.01 -27.82
N LYS A 58 2.97 5.93 -28.70
CA LYS A 58 2.40 5.98 -30.04
C LYS A 58 2.67 4.69 -30.79
N GLN A 59 3.90 4.17 -30.71
CA GLN A 59 4.23 2.95 -31.44
C GLN A 59 3.63 1.71 -30.78
N MET A 60 3.40 1.75 -29.46
CA MET A 60 2.67 0.66 -28.83
C MET A 60 1.22 0.59 -29.31
N ARG A 61 0.61 1.74 -29.57
CA ARG A 61 -0.79 1.79 -29.99
C ARG A 61 -1.03 1.11 -31.33
N ILE A 62 0.00 0.87 -32.13
CA ILE A 62 -0.15 0.20 -33.41
C ILE A 62 0.46 -1.19 -33.33
N THR A 204 -6.77 16.68 -22.46
CA THR A 204 -7.19 17.50 -21.32
C THR A 204 -7.41 16.64 -20.08
N SER A 205 -7.60 15.33 -20.28
CA SER A 205 -7.81 14.42 -19.18
C SER A 205 -6.51 14.25 -18.38
N GLY A 206 -6.67 13.88 -17.10
CA GLY A 206 -5.53 13.74 -16.23
C GLY A 206 -4.74 12.46 -16.42
N ILE A 207 -5.29 11.49 -17.17
CA ILE A 207 -4.62 10.22 -17.39
C ILE A 207 -5.14 9.64 -18.69
N PHE A 208 -4.30 8.86 -19.35
CA PHE A 208 -4.62 8.23 -20.62
C PHE A 208 -4.41 6.72 -20.52
N GLU A 209 -5.21 5.96 -21.27
CA GLU A 209 -5.21 4.51 -21.22
C GLU A 209 -4.73 3.95 -22.55
N THR A 210 -3.79 3.01 -22.49
CA THR A 210 -3.29 2.31 -23.66
C THR A 210 -3.07 0.85 -23.29
N LYS A 211 -3.83 -0.05 -23.90
CA LYS A 211 -3.79 -1.48 -23.59
C LYS A 211 -3.20 -2.24 -24.77
N PHE A 212 -2.25 -3.13 -24.47
CA PHE A 212 -1.65 -3.99 -25.47
C PHE A 212 -1.64 -5.42 -24.96
N GLN A 213 -1.90 -6.36 -25.86
CA GLN A 213 -1.98 -7.78 -25.52
C GLN A 213 -0.76 -8.51 -26.10
N VAL A 214 -0.08 -9.27 -25.23
CA VAL A 214 1.07 -10.08 -25.63
C VAL A 214 0.84 -11.49 -25.12
N ASP A 215 0.93 -12.46 -26.03
CA ASP A 215 0.80 -13.88 -25.67
C ASP A 215 -0.49 -14.13 -24.89
N LYS A 216 -1.57 -13.50 -25.33
CA LYS A 216 -2.91 -13.72 -24.79
C LYS A 216 -3.06 -13.22 -23.35
N VAL A 217 -2.02 -12.59 -22.80
CA VAL A 217 -2.14 -11.94 -21.50
C VAL A 217 -2.17 -10.43 -21.71
N ASN A 218 -3.13 -9.77 -21.07
CA ASN A 218 -3.40 -8.36 -21.29
C ASN A 218 -2.60 -7.50 -20.33
N PHE A 219 -2.09 -6.39 -20.83
CA PHE A 219 -1.35 -5.42 -20.02
C PHE A 219 -2.02 -4.06 -20.12
N HIS A 220 -2.14 -3.38 -18.98
CA HIS A 220 -2.69 -2.03 -18.91
C HIS A 220 -1.59 -1.06 -18.51
N MET A 221 -1.35 -0.05 -19.34
CA MET A 221 -0.32 0.95 -19.11
C MET A 221 -0.98 2.31 -19.00
N PHE A 222 -0.63 3.06 -17.95
CA PHE A 222 -1.23 4.36 -17.66
C PHE A 222 -0.17 5.44 -17.84
N ASP A 223 -0.51 6.47 -18.61
CA ASP A 223 0.36 7.62 -18.83
C ASP A 223 -0.24 8.83 -18.11
N VAL A 224 0.59 9.50 -17.31
CA VAL A 224 0.13 10.65 -16.55
C VAL A 224 -0.20 11.78 -17.50
N GLY A 225 -1.39 12.35 -17.36
CA GLY A 225 -1.84 13.42 -18.23
C GLY A 225 -1.65 14.80 -17.63
N ALA A 226 -2.72 15.57 -17.56
CA ALA A 226 -2.68 16.93 -17.03
C ALA A 226 -2.67 16.87 -15.50
N GLN A 227 -1.46 16.75 -14.94
CA GLN A 227 -1.25 16.72 -13.51
C GLN A 227 -0.18 17.73 -13.14
N ARG A 228 -0.28 18.25 -11.91
CA ARG A 228 0.72 19.19 -11.44
C ARG A 228 2.08 18.53 -11.39
N ASP A 229 3.12 19.33 -11.64
CA ASP A 229 4.48 18.79 -11.71
C ASP A 229 4.86 18.08 -10.42
N GLU A 230 4.28 18.49 -9.30
CA GLU A 230 4.52 17.83 -8.03
C GLU A 230 4.00 16.40 -8.07
N ARG A 231 4.80 15.47 -7.56
CA ARG A 231 4.51 14.04 -7.70
C ARG A 231 4.42 13.29 -6.38
N ARG A 232 4.85 13.90 -5.27
CA ARG A 232 4.95 13.15 -4.02
C ARG A 232 3.61 12.64 -3.53
N LYS A 233 2.52 13.33 -3.85
CA LYS A 233 1.22 13.04 -3.25
C LYS A 233 0.32 12.18 -4.12
N TRP A 234 0.57 12.07 -5.43
CA TRP A 234 -0.21 11.21 -6.29
C TRP A 234 0.57 10.02 -6.83
N ILE A 235 1.90 10.00 -6.65
CA ILE A 235 2.67 8.83 -7.06
C ILE A 235 2.35 7.64 -6.15
N GLN A 236 1.86 7.90 -4.95
CA GLN A 236 1.56 6.82 -4.01
C GLN A 236 0.45 5.90 -4.52
N CYS A 237 -0.33 6.35 -5.51
CA CYS A 237 -1.46 5.55 -5.96
C CYS A 237 -1.04 4.34 -6.79
N PHE A 238 0.24 4.23 -7.13
CA PHE A 238 0.71 3.14 -7.99
C PHE A 238 1.62 2.20 -7.22
N ASN A 239 1.26 1.90 -5.97
CA ASN A 239 2.05 0.96 -5.18
C ASN A 239 1.81 -0.49 -5.60
N ASP A 240 0.59 -0.79 -6.06
CA ASP A 240 0.22 -2.15 -6.43
C ASP A 240 0.45 -2.46 -7.90
N VAL A 241 0.94 -1.49 -8.68
CA VAL A 241 1.18 -1.75 -10.10
C VAL A 241 2.23 -2.85 -10.25
N THR A 242 2.17 -3.56 -11.37
CA THR A 242 3.11 -4.65 -11.61
C THR A 242 4.55 -4.13 -11.66
N ALA A 243 4.76 -3.01 -12.36
CA ALA A 243 6.09 -2.43 -12.47
C ALA A 243 5.97 -0.98 -12.89
N ILE A 244 7.03 -0.23 -12.66
CA ILE A 244 7.12 1.17 -13.08
C ILE A 244 8.11 1.28 -14.21
N ILE A 245 7.68 1.91 -15.32
CA ILE A 245 8.50 2.09 -16.51
C ILE A 245 9.03 3.52 -16.48
N PHE A 246 10.29 3.68 -16.11
CA PHE A 246 10.93 4.98 -15.98
C PHE A 246 11.82 5.20 -17.20
N VAL A 247 11.24 5.72 -18.26
CA VAL A 247 11.98 6.02 -19.48
C VAL A 247 12.75 7.33 -19.25
N VAL A 248 14.07 7.27 -19.33
CA VAL A 248 14.94 8.43 -19.17
C VAL A 248 15.77 8.60 -20.43
N ALA A 249 15.82 9.83 -20.93
CA ALA A 249 16.56 10.15 -22.15
C ALA A 249 18.05 10.23 -21.82
N SER A 250 18.86 9.49 -22.57
CA SER A 250 20.30 9.47 -22.35
C SER A 250 21.05 10.51 -23.19
N SER A 251 20.34 11.47 -23.79
CA SER A 251 21.00 12.50 -24.58
C SER A 251 22.07 13.20 -23.76
N SER A 252 23.27 13.32 -24.34
CA SER A 252 24.42 13.86 -23.64
C SER A 252 24.93 15.15 -24.29
N TYR A 253 24.01 16.05 -24.66
CA TYR A 253 24.41 17.33 -25.23
C TYR A 253 24.95 18.26 -24.14
N GLU A 259 21.07 27.94 -25.36
CA GLU A 259 19.64 27.84 -25.55
C GLU A 259 19.19 26.38 -25.54
N ASP A 260 19.92 25.54 -26.28
CA ASP A 260 19.60 24.12 -26.33
C ASP A 260 19.74 23.45 -24.98
N ASN A 261 20.78 23.80 -24.22
CA ASN A 261 21.00 23.25 -22.88
C ASN A 261 20.22 24.07 -21.84
N GLN A 262 18.90 24.11 -22.02
CA GLN A 262 18.05 24.87 -21.13
C GLN A 262 18.08 24.33 -19.70
N THR A 263 18.36 23.04 -19.52
CA THR A 263 18.52 22.49 -18.18
C THR A 263 19.14 21.11 -18.29
N ASN A 264 19.80 20.68 -17.21
CA ASN A 264 20.41 19.35 -17.14
C ASN A 264 19.44 18.41 -16.44
N ARG A 265 18.62 17.74 -17.26
CA ARG A 265 17.60 16.85 -16.71
C ARG A 265 18.13 15.46 -16.40
N LEU A 266 19.38 15.15 -16.70
CA LEU A 266 19.93 13.85 -16.31
C LEU A 266 20.09 13.74 -14.81
N GLN A 267 20.67 14.75 -14.17
CA GLN A 267 20.77 14.76 -12.72
C GLN A 267 19.39 14.83 -12.06
N ALA A 268 18.47 15.60 -12.65
CA ALA A 268 17.11 15.65 -12.13
C ALA A 268 16.45 14.28 -12.20
N ALA A 269 16.65 13.56 -13.30
CA ALA A 269 16.10 12.22 -13.43
C ALA A 269 16.73 11.28 -12.42
N LEU A 270 18.03 11.39 -12.18
CA LEU A 270 18.67 10.56 -11.16
C LEU A 270 18.08 10.83 -9.79
N LYS A 271 17.90 12.11 -9.44
CA LYS A 271 17.31 12.43 -8.14
C LYS A 271 15.88 11.94 -8.03
N LEU A 272 15.11 12.06 -9.11
CA LEU A 272 13.73 11.56 -9.11
C LEU A 272 13.71 10.04 -8.92
N PHE A 273 14.62 9.34 -9.60
CA PHE A 273 14.70 7.89 -9.42
C PHE A 273 15.05 7.54 -7.98
N ASP A 274 16.00 8.26 -7.39
CA ASP A 274 16.35 8.01 -5.99
C ASP A 274 15.15 8.24 -5.08
N SER A 275 14.41 9.33 -5.29
CA SER A 275 13.26 9.64 -4.45
C SER A 275 12.19 8.57 -4.58
N ILE A 276 11.92 8.12 -5.81
CA ILE A 276 10.95 7.05 -6.02
C ILE A 276 11.42 5.77 -5.34
N TRP A 277 12.73 5.49 -5.43
CA TRP A 277 13.28 4.29 -4.81
C TRP A 277 13.10 4.31 -3.30
N ASN A 278 13.32 5.48 -2.68
CA ASN A 278 13.25 5.59 -1.23
C ASN A 278 11.84 5.81 -0.71
N ASN A 279 10.84 5.93 -1.59
CA ASN A 279 9.47 6.15 -1.15
C ASN A 279 9.00 4.98 -0.30
N LYS A 280 8.34 5.29 0.82
CA LYS A 280 7.90 4.25 1.73
C LYS A 280 6.89 3.31 1.10
N TRP A 281 5.89 3.85 0.40
CA TRP A 281 4.80 3.04 -0.12
C TRP A 281 5.12 2.38 -1.44
N LEU A 282 6.20 2.79 -2.10
CA LEU A 282 6.66 2.15 -3.33
C LEU A 282 7.74 1.11 -3.09
N ARG A 283 7.96 0.72 -1.83
CA ARG A 283 9.08 -0.16 -1.50
C ARG A 283 8.96 -1.53 -2.13
N ASP A 284 7.76 -1.98 -2.49
CA ASP A 284 7.55 -3.27 -3.12
C ASP A 284 7.28 -3.19 -4.61
N THR A 285 7.38 -2.00 -5.21
CA THR A 285 7.08 -1.81 -6.63
C THR A 285 8.40 -1.80 -7.40
N SER A 286 8.64 -2.86 -8.16
CA SER A 286 9.82 -2.91 -9.02
C SER A 286 9.69 -1.89 -10.13
N VAL A 287 10.84 -1.40 -10.60
CA VAL A 287 10.90 -0.35 -11.61
C VAL A 287 11.73 -0.86 -12.79
N ILE A 288 11.21 -0.70 -14.00
CA ILE A 288 11.92 -1.03 -15.22
C ILE A 288 12.52 0.27 -15.76
N LEU A 289 13.83 0.27 -15.95
CA LEU A 289 14.57 1.48 -16.31
C LEU A 289 14.95 1.40 -17.78
N PHE A 290 14.22 2.14 -18.61
CA PHE A 290 14.52 2.25 -20.04
C PHE A 290 15.47 3.41 -20.29
N LEU A 291 16.74 3.11 -20.57
CA LEU A 291 17.73 4.13 -20.90
C LEU A 291 17.57 4.49 -22.37
N ASN A 292 16.62 5.38 -22.64
CA ASN A 292 16.25 5.72 -24.01
C ASN A 292 17.27 6.69 -24.61
N LYS A 293 17.14 6.90 -25.93
CA LYS A 293 17.97 7.85 -26.67
C LYS A 293 19.43 7.41 -26.68
N GLN A 294 19.67 6.16 -27.07
CA GLN A 294 21.03 5.67 -27.19
C GLN A 294 21.70 6.19 -28.46
N ASP A 295 20.95 6.35 -29.54
CA ASP A 295 21.54 6.85 -30.78
C ASP A 295 22.08 8.26 -30.60
N LEU A 296 21.32 9.13 -29.94
CA LEU A 296 21.80 10.48 -29.69
C LEU A 296 23.01 10.47 -28.77
N LEU A 297 23.02 9.60 -27.75
CA LEU A 297 24.18 9.49 -26.88
C LEU A 297 25.42 9.11 -27.67
N ALA A 298 25.29 8.13 -28.56
CA ALA A 298 26.42 7.72 -29.39
C ALA A 298 26.87 8.86 -30.30
N GLU A 299 25.91 9.57 -30.90
CA GLU A 299 26.25 10.66 -31.80
C GLU A 299 27.02 11.74 -31.07
N LYS A 300 26.60 12.09 -29.85
CA LYS A 300 27.30 13.11 -29.09
C LYS A 300 28.65 12.62 -28.60
N VAL A 301 28.76 11.33 -28.26
CA VAL A 301 30.04 10.79 -27.83
C VAL A 301 31.05 10.85 -28.97
N LEU A 302 30.62 10.47 -30.18
CA LEU A 302 31.51 10.56 -31.34
C LEU A 302 31.88 12.00 -31.65
N ALA A 303 30.96 12.93 -31.42
CA ALA A 303 31.22 14.35 -31.68
C ALA A 303 32.26 14.92 -30.73
N GLY A 304 32.55 14.26 -29.61
CA GLY A 304 33.54 14.78 -28.68
C GLY A 304 33.08 15.95 -27.85
N LYS A 305 31.76 16.12 -27.68
CA LYS A 305 31.20 17.22 -26.88
C LYS A 305 30.17 16.72 -25.88
N SER A 306 30.34 15.50 -25.37
CA SER A 306 29.34 14.93 -24.47
C SER A 306 29.34 15.64 -23.12
N LYS A 307 28.17 15.69 -22.50
CA LYS A 307 28.05 16.27 -21.16
C LYS A 307 28.56 15.32 -20.09
N ILE A 308 28.82 14.06 -20.46
CA ILE A 308 29.18 13.05 -19.46
C ILE A 308 30.49 13.41 -18.77
N GLU A 309 31.48 13.86 -19.53
CA GLU A 309 32.79 14.13 -18.96
C GLU A 309 32.78 15.34 -18.03
N ASP A 310 32.03 16.38 -18.39
CA ASP A 310 32.04 17.63 -17.63
C ASP A 310 31.11 17.58 -16.42
N TYR A 311 29.88 17.12 -16.59
CA TYR A 311 28.91 17.13 -15.51
C TYR A 311 29.08 15.96 -14.55
N PHE A 312 29.88 14.95 -14.91
CA PHE A 312 30.13 13.80 -14.04
C PHE A 312 31.64 13.58 -13.96
N PRO A 313 32.33 14.29 -13.07
CA PRO A 313 33.80 14.19 -13.04
C PRO A 313 34.32 12.80 -12.70
N GLU A 314 33.51 11.94 -12.07
CA GLU A 314 33.96 10.60 -11.75
C GLU A 314 34.14 9.74 -13.00
N PHE A 315 33.64 10.19 -14.15
CA PHE A 315 33.79 9.42 -15.38
C PHE A 315 35.25 9.26 -15.78
N ALA A 316 36.13 10.16 -15.37
CA ALA A 316 37.54 10.06 -15.75
C ALA A 316 38.16 8.79 -15.21
N ARG A 317 37.88 8.46 -13.94
CA ARG A 317 38.43 7.26 -13.34
C ARG A 317 37.58 6.03 -13.63
N TYR A 318 36.39 6.22 -14.21
CA TYR A 318 35.51 5.10 -14.48
C TYR A 318 36.14 4.15 -15.49
N THR A 319 35.98 2.85 -15.25
CA THR A 319 36.48 1.81 -16.14
C THR A 319 35.32 0.90 -16.53
N THR A 320 35.34 0.42 -17.77
CA THR A 320 34.24 -0.41 -18.26
C THR A 320 34.18 -1.70 -17.44
N PRO A 321 33.00 -2.09 -16.95
CA PRO A 321 32.91 -3.34 -16.18
C PRO A 321 33.24 -4.55 -17.05
N GLU A 322 33.81 -5.57 -16.41
CA GLU A 322 34.14 -6.80 -17.12
C GLU A 322 32.89 -7.52 -17.59
N ASP A 323 31.77 -7.35 -16.87
CA ASP A 323 30.52 -7.99 -17.24
C ASP A 323 29.85 -7.34 -18.45
N ALA A 324 30.36 -6.21 -18.92
CA ALA A 324 29.75 -5.53 -20.06
C ALA A 324 29.73 -6.43 -21.28
N THR A 325 28.64 -6.36 -22.04
CA THR A 325 28.44 -7.16 -23.24
C THR A 325 28.02 -6.25 -24.40
N PRO A 326 28.88 -5.31 -24.79
CA PRO A 326 28.53 -4.43 -25.91
C PRO A 326 28.39 -5.20 -27.21
N GLU A 327 27.49 -4.72 -28.06
CA GLU A 327 27.28 -5.35 -29.36
C GLU A 327 28.44 -5.03 -30.29
N PRO A 328 28.73 -5.92 -31.25
CA PRO A 328 29.84 -5.66 -32.17
C PRO A 328 29.59 -4.39 -32.99
N GLY A 329 30.67 -3.65 -33.24
CA GLY A 329 30.60 -2.42 -33.99
C GLY A 329 30.38 -1.18 -33.16
N GLU A 330 30.04 -1.32 -31.88
CA GLU A 330 29.84 -0.16 -31.03
C GLU A 330 31.18 0.43 -30.62
N ASP A 331 31.31 1.74 -30.75
CA ASP A 331 32.56 2.41 -30.40
C ASP A 331 32.82 2.27 -28.90
N PRO A 332 34.07 2.05 -28.49
CA PRO A 332 34.33 1.84 -27.04
C PRO A 332 33.86 2.99 -26.17
N ARG A 333 33.99 4.24 -26.63
CA ARG A 333 33.57 5.37 -25.81
C ARG A 333 32.06 5.36 -25.56
N VAL A 334 31.29 5.03 -26.59
CA VAL A 334 29.83 4.97 -26.41
C VAL A 334 29.47 3.90 -25.39
N THR A 335 30.10 2.73 -25.46
CA THR A 335 29.83 1.68 -24.49
C THR A 335 30.23 2.13 -23.08
N ARG A 336 31.38 2.78 -22.95
CA ARG A 336 31.79 3.23 -21.63
C ARG A 336 30.79 4.23 -21.06
N ALA A 337 30.33 5.17 -21.89
CA ALA A 337 29.38 6.18 -21.42
C ALA A 337 28.06 5.54 -21.01
N LYS A 338 27.53 4.64 -21.86
CA LYS A 338 26.24 4.03 -21.56
C LYS A 338 26.33 3.16 -20.31
N TYR A 339 27.44 2.44 -20.13
CA TYR A 339 27.58 1.63 -18.94
C TYR A 339 27.82 2.47 -17.70
N PHE A 340 28.45 3.64 -17.84
CA PHE A 340 28.54 4.56 -16.70
C PHE A 340 27.15 5.06 -16.31
N ILE A 341 26.32 5.39 -17.30
CA ILE A 341 24.94 5.80 -17.01
C ILE A 341 24.20 4.68 -16.30
N ARG A 342 24.36 3.44 -16.78
CA ARG A 342 23.75 2.29 -16.12
C ARG A 342 24.23 2.18 -14.68
N ASP A 343 25.54 2.27 -14.47
CA ASP A 343 26.12 2.09 -13.14
C ASP A 343 25.66 3.17 -12.17
N GLU A 344 25.42 4.38 -12.64
CA GLU A 344 24.89 5.41 -11.74
C GLU A 344 23.56 4.96 -11.15
N PHE A 345 22.62 4.55 -12.00
CA PHE A 345 21.31 4.09 -11.51
C PHE A 345 21.43 2.84 -10.67
N LEU A 346 22.34 1.92 -11.04
CA LEU A 346 22.54 0.73 -10.23
C LEU A 346 23.08 1.06 -8.85
N ARG A 347 24.01 2.01 -8.76
CA ARG A 347 24.49 2.46 -7.46
C ARG A 347 23.38 3.08 -6.64
N ILE A 348 22.53 3.89 -7.27
CA ILE A 348 21.40 4.48 -6.56
C ILE A 348 20.47 3.38 -6.05
N SER A 349 20.23 2.36 -6.87
CA SER A 349 19.24 1.33 -6.57
C SER A 349 19.79 0.20 -5.70
N THR A 350 21.07 -0.13 -5.80
CA THR A 350 21.63 -1.27 -5.09
C THR A 350 22.10 -0.93 -3.67
N ALA A 351 21.94 0.31 -3.23
CA ALA A 351 22.37 0.69 -1.89
C ALA A 351 21.37 0.36 -0.81
N SER A 352 20.11 0.07 -1.19
CA SER A 352 19.09 -0.22 -0.18
C SER A 352 19.41 -1.50 0.59
N GLY A 353 19.66 -2.60 -0.12
CA GLY A 353 20.03 -3.85 0.52
C GLY A 353 18.89 -4.57 1.22
N ASP A 354 17.67 -4.04 1.19
CA ASP A 354 16.56 -4.68 1.88
C ASP A 354 16.00 -5.88 1.12
N GLY A 355 16.25 -5.97 -0.18
CA GLY A 355 15.73 -7.07 -0.96
C GLY A 355 14.28 -6.93 -1.38
N ARG A 356 13.61 -5.85 -0.98
CA ARG A 356 12.22 -5.64 -1.37
C ARG A 356 12.12 -5.03 -2.76
N HIS A 357 13.23 -4.53 -3.31
CA HIS A 357 13.26 -3.89 -4.61
C HIS A 357 14.05 -4.72 -5.61
N TYR A 358 13.94 -4.31 -6.88
CA TYR A 358 14.87 -4.73 -7.91
C TYR A 358 14.67 -3.82 -9.12
N CYS A 359 15.73 -3.66 -9.91
CA CYS A 359 15.73 -2.78 -11.06
C CYS A 359 16.11 -3.56 -12.31
N TYR A 360 15.55 -3.17 -13.46
CA TYR A 360 15.79 -3.83 -14.72
C TYR A 360 16.29 -2.81 -15.74
N PRO A 361 17.57 -2.49 -15.77
CA PRO A 361 18.08 -1.58 -16.80
C PRO A 361 17.95 -2.20 -18.18
N HIS A 362 17.69 -1.34 -19.17
CA HIS A 362 17.45 -1.82 -20.54
C HIS A 362 17.83 -0.71 -21.51
N PHE A 363 18.90 -0.92 -22.27
CA PHE A 363 19.21 -0.02 -23.38
C PHE A 363 18.15 -0.20 -24.47
N THR A 364 17.57 0.91 -24.92
CA THR A 364 16.48 0.83 -25.88
C THR A 364 16.35 2.16 -26.62
N CYS A 365 15.63 2.11 -27.74
CA CYS A 365 15.28 3.29 -28.52
C CYS A 365 13.78 3.30 -28.74
N ALA A 366 13.22 4.51 -28.86
CA ALA A 366 11.77 4.63 -29.00
C ALA A 366 11.26 3.89 -30.24
N VAL A 367 12.06 3.84 -31.30
CA VAL A 367 11.62 3.17 -32.51
C VAL A 367 11.76 1.65 -32.43
N ASP A 368 12.50 1.14 -31.45
CA ASP A 368 12.70 -0.30 -31.33
C ASP A 368 11.37 -1.00 -31.10
N THR A 369 11.13 -2.07 -31.88
CA THR A 369 9.90 -2.84 -31.72
C THR A 369 9.99 -3.82 -30.55
N GLU A 370 11.20 -4.13 -30.08
CA GLU A 370 11.35 -5.10 -29.00
C GLU A 370 10.87 -4.56 -27.66
N ASN A 371 10.57 -3.26 -27.58
CA ASN A 371 10.18 -2.67 -26.29
C ASN A 371 9.05 -3.44 -25.64
N ILE A 372 8.05 -3.86 -26.43
CA ILE A 372 6.90 -4.56 -25.86
C ILE A 372 7.34 -5.88 -25.24
N ARG A 373 8.20 -6.62 -25.94
CA ARG A 373 8.66 -7.91 -25.42
C ARG A 373 9.44 -7.75 -24.13
N ARG A 374 10.24 -6.69 -24.01
CA ARG A 374 10.99 -6.48 -22.78
C ARG A 374 10.07 -6.33 -21.58
N VAL A 375 8.98 -5.56 -21.74
CA VAL A 375 8.03 -5.37 -20.65
C VAL A 375 7.42 -6.71 -20.25
N PHE A 376 7.05 -7.52 -21.24
CA PHE A 376 6.47 -8.82 -20.94
C PHE A 376 7.45 -9.70 -20.17
N ASN A 377 8.70 -9.74 -20.61
CA ASN A 377 9.69 -10.56 -19.91
C ASN A 377 9.93 -10.07 -18.49
N ASP A 378 10.04 -8.76 -18.30
CA ASP A 378 10.22 -8.19 -16.97
C ASP A 378 9.05 -8.47 -16.06
N CYS A 379 7.82 -8.35 -16.55
CA CYS A 379 6.65 -8.68 -15.74
C CYS A 379 6.64 -10.16 -15.38
N ARG A 380 6.99 -11.02 -16.34
CA ARG A 380 7.08 -12.45 -16.06
C ARG A 380 8.07 -12.71 -14.93
N ASP A 381 9.25 -12.10 -15.01
CA ASP A 381 10.26 -12.30 -13.98
C ASP A 381 9.77 -11.78 -12.62
N ILE A 382 9.12 -10.61 -12.63
CA ILE A 382 8.66 -10.02 -11.37
C ILE A 382 7.62 -10.91 -10.70
N ILE A 383 6.65 -11.41 -11.48
CA ILE A 383 5.62 -12.27 -10.91
C ILE A 383 6.22 -13.59 -10.46
N GLN A 384 7.19 -14.12 -11.20
CA GLN A 384 7.85 -15.35 -10.77
C GLN A 384 8.55 -15.15 -9.43
N ARG A 385 9.25 -14.03 -9.28
CA ARG A 385 9.90 -13.73 -8.01
C ARG A 385 8.88 -13.56 -6.89
N MET A 386 7.74 -12.93 -7.19
CA MET A 386 6.69 -12.80 -6.19
C MET A 386 6.18 -14.16 -5.74
N HIS A 387 5.96 -15.07 -6.69
CA HIS A 387 5.53 -16.42 -6.33
C HIS A 387 6.58 -17.14 -5.50
N LEU A 388 7.86 -16.99 -5.86
CA LEU A 388 8.92 -17.59 -5.06
C LEU A 388 8.90 -17.03 -3.64
N ARG A 389 8.68 -15.74 -3.50
CA ARG A 389 8.60 -15.13 -2.17
C ARG A 389 7.42 -15.70 -1.39
N GLN A 390 6.28 -15.89 -2.06
CA GLN A 390 5.08 -16.34 -1.35
C GLN A 390 5.28 -17.71 -0.74
N TYR A 391 5.92 -18.62 -1.47
CA TYR A 391 6.11 -19.99 -1.01
C TYR A 391 7.37 -20.14 -0.14
N GLU A 392 7.91 -19.05 0.38
CA GLU A 392 9.06 -19.07 1.27
C GLU A 392 10.34 -19.50 0.57
N LEU A 393 10.31 -19.57 -0.77
CA LEU A 393 11.51 -19.97 -1.50
C LEU A 393 12.57 -18.87 -1.47
N LEU A 394 12.17 -17.64 -1.16
CA LEU A 394 13.10 -16.53 -1.06
C LEU A 394 12.98 -15.86 0.30
N GLU B 8 9.27 48.04 -6.70
CA GLU B 8 7.80 47.92 -6.52
C GLU B 8 7.46 46.76 -5.58
N LEU B 9 8.16 45.64 -5.77
CA LEU B 9 7.91 44.47 -4.93
C LEU B 9 8.26 44.76 -3.48
N ASP B 10 9.37 45.47 -3.25
CA ASP B 10 9.80 45.75 -1.88
C ASP B 10 8.76 46.54 -1.10
N GLN B 11 7.97 47.36 -1.79
CA GLN B 11 6.97 48.18 -1.13
C GLN B 11 5.65 47.43 -0.98
N LEU B 12 5.66 46.13 -1.29
CA LEU B 12 4.48 45.28 -1.09
C LEU B 12 4.82 44.16 -0.13
N ARG B 13 6.00 43.55 -0.31
CA ARG B 13 6.43 42.50 0.59
C ARG B 13 6.63 43.03 2.01
N GLN B 14 7.18 44.24 2.14
CA GLN B 14 7.33 44.84 3.46
C GLN B 14 5.97 45.10 4.11
N GLU B 15 4.99 45.55 3.32
CA GLU B 15 3.64 45.75 3.86
C GLU B 15 3.04 44.42 4.31
N ALA B 16 3.24 43.36 3.53
CA ALA B 16 2.74 42.05 3.93
C ALA B 16 3.39 41.59 5.22
N GLU B 17 4.71 41.80 5.35
CA GLU B 17 5.40 41.43 6.57
C GLU B 17 4.90 42.23 7.76
N GLN B 18 4.66 43.52 7.57
CA GLN B 18 4.13 44.35 8.66
C GLN B 18 2.75 43.88 9.09
N LEU B 19 1.89 43.55 8.12
CA LEU B 19 0.56 43.05 8.46
C LEU B 19 0.66 41.72 9.20
N LYS B 20 1.55 40.83 8.76
CA LYS B 20 1.74 39.56 9.46
C LYS B 20 2.22 39.77 10.88
N ASN B 21 3.16 40.70 11.07
CA ASN B 21 3.64 41.01 12.42
C ASN B 21 2.53 41.57 13.28
N GLN B 22 1.68 42.44 12.72
CA GLN B 22 0.55 42.97 13.48
C GLN B 22 -0.40 41.86 13.88
N ILE B 23 -0.68 40.93 12.96
CA ILE B 23 -1.57 39.82 13.28
C ILE B 23 -0.98 38.96 14.39
N ARG B 24 0.32 38.68 14.29
CA ARG B 24 0.99 37.87 15.31
C ARG B 24 0.94 38.57 16.67
N ASP B 25 1.19 39.87 16.69
CA ASP B 25 1.13 40.61 17.95
C ASP B 25 -0.26 40.57 18.55
N ALA B 26 -1.28 40.76 17.71
CA ALA B 26 -2.66 40.69 18.20
C ALA B 26 -2.98 39.31 18.75
N ARG B 27 -2.56 38.25 18.07
CA ARG B 27 -2.81 36.89 18.56
C ARG B 27 -2.01 36.61 19.82
N LYS B 28 -0.76 37.07 19.87
CA LYS B 28 0.09 36.79 21.02
C LYS B 28 -0.47 37.43 22.29
N ALA B 29 -0.93 38.68 22.20
CA ALA B 29 -1.44 39.37 23.37
C ALA B 29 -2.73 38.75 23.89
N CYS B 30 -3.40 37.93 23.09
CA CYS B 30 -4.65 37.32 23.51
C CYS B 30 -4.45 36.02 24.27
N ALA B 31 -3.21 35.51 24.36
CA ALA B 31 -2.94 34.22 24.98
C ALA B 31 -2.50 34.38 26.43
N ASP B 32 -3.46 34.82 27.27
CA ASP B 32 -3.19 34.89 28.70
C ASP B 32 -3.21 33.50 29.33
N ALA B 33 -4.11 32.63 28.88
CA ALA B 33 -4.20 31.28 29.40
C ALA B 33 -4.58 30.34 28.26
N THR B 34 -3.99 29.15 28.27
CA THR B 34 -4.23 28.17 27.22
C THR B 34 -5.31 27.19 27.63
N LEU B 35 -5.79 26.42 26.65
CA LEU B 35 -6.80 25.40 26.93
C LEU B 35 -6.28 24.35 27.88
N SER B 36 -5.03 23.92 27.69
CA SER B 36 -4.47 22.87 28.54
C SER B 36 -4.39 23.32 30.00
N GLN B 37 -3.98 24.57 30.24
CA GLN B 37 -3.79 25.03 31.61
C GLN B 37 -5.10 25.01 32.39
N ILE B 38 -6.15 25.61 31.83
CA ILE B 38 -7.42 25.69 32.55
C ILE B 38 -8.10 24.33 32.65
N THR B 39 -7.87 23.46 31.68
CA THR B 39 -8.45 22.12 31.69
C THR B 39 -7.79 21.18 32.69
N ASN B 40 -6.82 21.66 33.47
CA ASN B 40 -6.14 20.79 34.43
C ASN B 40 -7.09 20.19 35.45
N ASN B 41 -8.21 20.86 35.74
CA ASN B 41 -9.18 20.37 36.71
C ASN B 41 -10.21 19.43 36.09
N ILE B 42 -10.18 19.23 34.78
CA ILE B 42 -11.13 18.33 34.13
C ILE B 42 -10.82 16.89 34.51
N ASP B 43 -11.87 16.11 34.76
CA ASP B 43 -11.71 14.71 35.12
C ASP B 43 -11.17 13.91 33.94
N PRO B 44 -10.22 13.00 34.14
CA PRO B 44 -9.71 12.23 33.01
C PRO B 44 -10.77 11.31 32.41
N VAL B 45 -10.69 11.13 31.10
CA VAL B 45 -11.62 10.24 30.41
C VAL B 45 -11.33 8.79 30.78
N GLY B 46 -10.06 8.43 30.93
CA GLY B 46 -9.69 7.05 31.21
C GLY B 46 -9.50 6.24 29.94
N ARG B 47 -9.11 4.98 30.14
CA ARG B 47 -8.85 4.10 29.01
C ARG B 47 -10.15 3.81 28.26
N ILE B 48 -10.06 3.79 26.93
CA ILE B 48 -11.18 3.52 26.04
C ILE B 48 -10.85 2.29 25.21
N GLN B 49 -11.76 1.31 25.22
CA GLN B 49 -11.59 0.08 24.45
C GLN B 49 -12.78 -0.09 23.52
N MET B 50 -12.48 -0.49 22.28
CA MET B 50 -13.51 -0.72 21.27
C MET B 50 -13.25 -2.06 20.59
N ARG B 51 -14.32 -2.67 20.10
CA ARG B 51 -14.28 -3.98 19.47
C ARG B 51 -14.88 -3.91 18.08
N THR B 52 -14.29 -4.65 17.15
CA THR B 52 -14.74 -4.68 15.77
C THR B 52 -16.07 -5.42 15.70
N ARG B 53 -17.15 -4.70 15.41
CA ARG B 53 -18.48 -5.29 15.35
C ARG B 53 -18.82 -5.83 13.95
N ARG B 54 -18.27 -5.23 12.90
CA ARG B 54 -18.57 -5.66 11.53
C ARG B 54 -17.30 -5.60 10.70
N THR B 55 -17.26 -6.45 9.67
CA THR B 55 -16.18 -6.46 8.70
C THR B 55 -16.78 -6.64 7.32
N LEU B 56 -16.50 -5.69 6.43
CA LEU B 56 -17.06 -5.69 5.08
C LEU B 56 -16.00 -6.14 4.09
N ARG B 57 -16.36 -7.10 3.24
CA ARG B 57 -15.44 -7.67 2.26
C ARG B 57 -16.09 -7.62 0.88
N GLY B 58 -15.26 -7.60 -0.15
CA GLY B 58 -15.75 -7.52 -1.51
C GLY B 58 -14.88 -6.65 -2.39
N HIS B 59 -14.19 -5.68 -1.80
CA HIS B 59 -13.30 -4.83 -2.55
C HIS B 59 -12.04 -5.59 -2.93
N LEU B 60 -11.58 -5.41 -4.17
CA LEU B 60 -10.43 -6.14 -4.69
C LEU B 60 -9.13 -5.39 -4.53
N ALA B 61 -9.18 -4.06 -4.49
CA ALA B 61 -8.00 -3.22 -4.38
C ALA B 61 -8.10 -2.36 -3.11
N LYS B 62 -7.08 -1.54 -2.91
CA LYS B 62 -7.03 -0.68 -1.73
C LYS B 62 -8.14 0.37 -1.76
N ILE B 63 -8.63 0.72 -0.58
CA ILE B 63 -9.73 1.67 -0.43
C ILE B 63 -9.16 3.00 0.03
N TYR B 64 -9.62 4.09 -0.58
CA TYR B 64 -9.16 5.44 -0.23
C TYR B 64 -10.12 6.20 0.67
N ALA B 65 -11.39 6.29 0.31
CA ALA B 65 -12.31 7.18 1.02
C ALA B 65 -13.64 6.48 1.24
N MET B 66 -14.37 6.93 2.25
CA MET B 66 -15.69 6.44 2.57
C MET B 66 -16.51 7.58 3.16
N HIS B 67 -17.83 7.43 3.10
CA HIS B 67 -18.73 8.47 3.61
C HIS B 67 -19.95 7.81 4.24
N TRP B 68 -20.30 8.26 5.45
CA TRP B 68 -21.48 7.76 6.13
C TRP B 68 -22.74 8.43 5.59
N GLY B 69 -23.79 7.65 5.42
CA GLY B 69 -25.07 8.21 5.02
C GLY B 69 -25.72 8.98 6.14
N THR B 70 -26.65 9.86 5.76
CA THR B 70 -27.36 10.67 6.75
C THR B 70 -28.21 9.84 7.70
N ASP B 71 -28.59 8.63 7.31
CA ASP B 71 -29.35 7.74 8.19
C ASP B 71 -28.46 6.80 9.00
N SER B 72 -27.13 6.87 8.81
CA SER B 72 -26.19 6.01 9.53
C SER B 72 -26.42 4.53 9.22
N ARG B 73 -27.10 4.24 8.11
CA ARG B 73 -27.39 2.87 7.71
C ARG B 73 -26.53 2.43 6.53
N LEU B 74 -26.46 3.24 5.49
CA LEU B 74 -25.71 2.91 4.29
C LEU B 74 -24.31 3.52 4.33
N LEU B 75 -23.40 2.90 3.59
CA LEU B 75 -22.01 3.32 3.53
C LEU B 75 -21.55 3.39 2.08
N VAL B 76 -20.51 4.20 1.84
CA VAL B 76 -19.92 4.36 0.52
C VAL B 76 -18.44 4.01 0.63
N SER B 77 -17.94 3.25 -0.34
CA SER B 77 -16.54 2.87 -0.39
C SER B 77 -16.05 2.94 -1.82
N ALA B 78 -14.86 3.50 -2.01
CA ALA B 78 -14.24 3.64 -3.32
C ALA B 78 -12.89 2.93 -3.31
N SER B 79 -12.65 2.09 -4.32
CA SER B 79 -11.43 1.30 -4.42
C SER B 79 -10.85 1.43 -5.81
N GLN B 80 -9.55 1.17 -5.92
CA GLN B 80 -8.85 1.28 -7.20
C GLN B 80 -9.27 0.19 -8.19
N ASP B 81 -10.01 -0.82 -7.74
CA ASP B 81 -10.50 -1.85 -8.65
C ASP B 81 -11.59 -1.33 -9.59
N GLY B 82 -12.09 -0.12 -9.37
CA GLY B 82 -13.12 0.43 -10.23
C GLY B 82 -14.54 0.18 -9.77
N LYS B 83 -14.73 -0.25 -8.52
CA LYS B 83 -16.05 -0.53 -7.98
C LYS B 83 -16.40 0.45 -6.88
N LEU B 84 -17.58 1.05 -7.00
CA LEU B 84 -18.15 1.92 -5.97
C LEU B 84 -19.31 1.16 -5.34
N ILE B 85 -19.09 0.64 -4.14
CA ILE B 85 -20.04 -0.27 -3.48
C ILE B 85 -20.78 0.49 -2.39
N ILE B 86 -22.09 0.31 -2.35
CA ILE B 86 -22.94 0.87 -1.30
C ILE B 86 -23.29 -0.27 -0.36
N TRP B 87 -22.86 -0.17 0.89
CA TRP B 87 -23.01 -1.23 1.88
C TRP B 87 -24.24 -0.99 2.75
N ASP B 88 -24.65 -2.06 3.44
CA ASP B 88 -25.66 -1.99 4.49
C ASP B 88 -24.96 -2.33 5.80
N SER B 89 -24.65 -1.31 6.59
CA SER B 89 -23.80 -1.49 7.77
C SER B 89 -24.41 -2.44 8.79
N TYR B 90 -25.74 -2.58 8.83
CA TYR B 90 -26.36 -3.46 9.81
C TYR B 90 -26.36 -4.90 9.35
N THR B 91 -26.83 -5.16 8.12
CA THR B 91 -26.91 -6.53 7.62
C THR B 91 -25.67 -6.94 6.84
N THR B 92 -24.74 -6.02 6.59
CA THR B 92 -23.49 -6.27 5.87
C THR B 92 -23.73 -6.52 4.38
N ASN B 93 -24.98 -6.55 3.93
CA ASN B 93 -25.26 -6.81 2.53
C ASN B 93 -24.86 -5.63 1.66
N LYS B 94 -24.51 -5.93 0.41
CA LYS B 94 -24.13 -4.93 -0.57
C LYS B 94 -25.36 -4.55 -1.38
N VAL B 95 -25.70 -3.26 -1.39
CA VAL B 95 -26.90 -2.81 -2.08
C VAL B 95 -26.61 -2.54 -3.55
N HIS B 96 -25.52 -1.82 -3.83
CA HIS B 96 -25.15 -1.48 -5.20
C HIS B 96 -23.66 -1.65 -5.38
N ALA B 97 -23.25 -1.88 -6.63
CA ALA B 97 -21.85 -1.98 -7.01
C ALA B 97 -21.69 -1.33 -8.37
N ILE B 98 -21.28 -0.07 -8.39
CA ILE B 98 -21.23 0.73 -9.62
C ILE B 98 -19.84 0.60 -10.23
N PRO B 99 -19.70 0.11 -11.46
CA PRO B 99 -18.39 0.09 -12.12
C PRO B 99 -18.02 1.48 -12.61
N LEU B 100 -16.79 1.90 -12.31
CA LEU B 100 -16.33 3.24 -12.65
C LEU B 100 -15.50 3.21 -13.93
N ARG B 101 -15.70 4.21 -14.78
CA ARG B 101 -14.94 4.28 -16.03
C ARG B 101 -13.44 4.44 -15.77
N SER B 102 -13.07 5.25 -14.78
CA SER B 102 -11.68 5.46 -14.40
C SER B 102 -11.40 4.75 -13.09
N SER B 103 -10.38 3.91 -13.07
CA SER B 103 -10.06 3.13 -11.88
C SER B 103 -9.34 3.96 -10.82
N TRP B 104 -8.87 5.15 -11.15
CA TRP B 104 -8.13 5.99 -10.21
C TRP B 104 -9.06 7.03 -9.59
N VAL B 105 -9.67 6.63 -8.48
CA VAL B 105 -10.56 7.48 -7.71
C VAL B 105 -9.98 7.62 -6.30
N MET B 106 -9.85 8.86 -5.83
CA MET B 106 -9.24 9.14 -4.54
C MET B 106 -10.22 9.59 -3.48
N THR B 107 -11.47 9.91 -3.84
CA THR B 107 -12.44 10.38 -2.87
C THR B 107 -13.84 10.00 -3.33
N CYS B 108 -14.77 10.01 -2.37
CA CYS B 108 -16.17 9.71 -2.64
C CYS B 108 -17.02 10.46 -1.61
N ALA B 109 -18.29 10.67 -1.96
CA ALA B 109 -19.19 11.40 -1.10
C ALA B 109 -20.62 10.92 -1.33
N TYR B 110 -21.41 10.92 -0.25
CA TYR B 110 -22.82 10.57 -0.29
C TYR B 110 -23.65 11.80 -0.01
N ALA B 111 -24.60 12.09 -0.91
CA ALA B 111 -25.39 13.30 -0.79
C ALA B 111 -26.24 13.25 0.49
N PRO B 112 -26.51 14.40 1.11
CA PRO B 112 -27.32 14.39 2.34
C PRO B 112 -28.70 13.80 2.13
N SER B 113 -29.33 14.01 0.97
CA SER B 113 -30.63 13.41 0.69
C SER B 113 -30.51 11.97 0.23
N GLY B 114 -29.30 11.52 -0.13
CA GLY B 114 -29.09 10.15 -0.56
C GLY B 114 -29.51 9.86 -1.98
N ASN B 115 -29.88 10.88 -2.75
CA ASN B 115 -30.31 10.65 -4.13
C ASN B 115 -29.14 10.50 -5.08
N TYR B 116 -27.96 11.00 -4.72
CA TYR B 116 -26.81 11.00 -5.61
C TYR B 116 -25.55 10.62 -4.85
N VAL B 117 -24.56 10.11 -5.60
CA VAL B 117 -23.25 9.78 -5.09
C VAL B 117 -22.21 10.39 -6.01
N ALA B 118 -21.03 10.67 -5.46
CA ALA B 118 -19.95 11.30 -6.20
C ALA B 118 -18.64 10.60 -5.92
N CYS B 119 -17.71 10.71 -6.88
CA CYS B 119 -16.38 10.15 -6.73
C CYS B 119 -15.46 10.85 -7.73
N GLY B 120 -14.16 10.72 -7.49
CA GLY B 120 -13.18 11.32 -8.37
C GLY B 120 -11.77 10.94 -7.93
N GLY B 121 -10.81 11.36 -8.75
CA GLY B 121 -9.41 11.07 -8.48
C GLY B 121 -8.47 11.65 -9.51
N LEU B 122 -7.50 10.84 -9.96
CA LEU B 122 -6.52 11.28 -10.93
C LEU B 122 -7.14 11.66 -12.27
N ASP B 123 -8.37 11.22 -12.55
CA ASP B 123 -9.02 11.56 -13.81
C ASP B 123 -9.37 13.03 -13.93
N ASN B 124 -9.27 13.80 -12.84
CA ASN B 124 -9.56 15.23 -12.82
C ASN B 124 -11.03 15.54 -13.09
N ILE B 125 -11.90 14.53 -13.03
CA ILE B 125 -13.32 14.70 -13.28
C ILE B 125 -14.12 14.05 -12.15
N CYS B 126 -15.15 14.75 -11.70
CA CYS B 126 -16.05 14.25 -10.67
C CYS B 126 -17.33 13.75 -11.33
N SER B 127 -17.67 12.49 -11.07
CA SER B 127 -18.83 11.85 -11.65
C SER B 127 -19.94 11.74 -10.60
N ILE B 128 -21.12 12.22 -10.94
CA ILE B 128 -22.28 12.18 -10.05
C ILE B 128 -23.15 11.01 -10.49
N TYR B 129 -23.39 10.06 -9.58
CA TYR B 129 -24.15 8.86 -9.87
C TYR B 129 -25.53 8.96 -9.21
N ASN B 130 -26.57 8.71 -10.00
CA ASN B 130 -27.93 8.78 -9.51
C ASN B 130 -28.40 7.37 -9.15
N LEU B 131 -28.75 7.17 -7.87
CA LEU B 131 -29.20 5.87 -7.39
C LEU B 131 -30.72 5.71 -7.44
N LYS B 132 -31.46 6.77 -7.77
CA LYS B 132 -32.92 6.76 -7.73
C LYS B 132 -33.54 6.83 -9.12
N THR B 133 -32.82 6.36 -10.14
CA THR B 133 -33.38 6.30 -11.48
C THR B 133 -34.56 5.32 -11.50
N ARG B 134 -35.55 5.66 -12.32
CA ARG B 134 -36.82 4.91 -12.31
C ARG B 134 -36.65 3.44 -12.69
N GLU B 135 -35.86 3.14 -13.72
CA GLU B 135 -35.68 1.76 -14.16
C GLU B 135 -34.24 1.31 -13.98
N GLY B 136 -33.29 2.07 -14.54
CA GLY B 136 -31.89 1.74 -14.39
C GLY B 136 -31.44 1.75 -12.94
N ASN B 137 -30.70 0.73 -12.52
CA ASN B 137 -30.23 0.67 -11.14
C ASN B 137 -29.29 1.82 -10.83
N VAL B 138 -28.35 2.12 -11.71
CA VAL B 138 -27.39 3.20 -11.51
C VAL B 138 -26.94 3.71 -12.87
N ARG B 139 -26.74 5.03 -12.97
CA ARG B 139 -26.24 5.64 -14.19
C ARG B 139 -25.55 6.95 -13.83
N VAL B 140 -24.68 7.40 -14.74
CA VAL B 140 -23.98 8.67 -14.55
C VAL B 140 -24.88 9.82 -14.96
N SER B 141 -24.92 10.86 -14.14
CA SER B 141 -25.74 12.03 -14.39
C SER B 141 -24.98 13.19 -14.99
N ARG B 142 -23.84 13.57 -14.41
CA ARG B 142 -23.05 14.69 -14.92
C ARG B 142 -21.59 14.45 -14.59
N GLU B 143 -20.72 14.99 -15.44
CA GLU B 143 -19.27 14.94 -15.25
C GLU B 143 -18.77 16.37 -15.05
N LEU B 144 -18.28 16.67 -13.85
CA LEU B 144 -17.85 18.02 -13.49
C LEU B 144 -16.40 18.21 -13.92
N ALA B 145 -16.21 18.38 -15.22
CA ALA B 145 -14.88 18.63 -15.77
C ALA B 145 -14.53 20.10 -15.64
N GLY B 146 -13.23 20.39 -15.57
CA GLY B 146 -12.77 21.77 -15.47
C GLY B 146 -11.55 21.93 -14.57
N HIS B 147 -11.32 20.97 -13.69
CA HIS B 147 -10.14 21.02 -12.84
C HIS B 147 -8.88 20.68 -13.64
N THR B 148 -7.74 21.15 -13.14
CA THR B 148 -6.45 20.93 -13.76
C THR B 148 -5.56 20.04 -12.89
N GLY B 149 -6.17 19.12 -12.16
CA GLY B 149 -5.41 18.21 -11.31
C GLY B 149 -6.33 17.18 -10.70
N TYR B 150 -5.71 16.22 -10.02
CA TYR B 150 -6.46 15.16 -9.38
C TYR B 150 -7.36 15.72 -8.29
N LEU B 151 -8.57 15.14 -8.18
CA LEU B 151 -9.54 15.60 -7.20
C LEU B 151 -9.23 14.96 -5.86
N SER B 152 -8.75 15.77 -4.91
CA SER B 152 -8.37 15.26 -3.59
C SER B 152 -9.57 14.96 -2.71
N CYS B 153 -10.60 15.82 -2.73
CA CYS B 153 -11.76 15.63 -1.87
C CYS B 153 -12.95 16.35 -2.48
N CYS B 154 -14.15 15.92 -2.07
CA CYS B 154 -15.38 16.54 -2.51
C CYS B 154 -16.46 16.30 -1.45
N ARG B 155 -17.38 17.25 -1.34
CA ARG B 155 -18.46 17.16 -0.36
C ARG B 155 -19.70 17.84 -0.92
N PHE B 156 -20.86 17.25 -0.67
CA PHE B 156 -22.11 17.81 -1.14
C PHE B 156 -22.64 18.87 -0.18
N LEU B 157 -23.16 19.97 -0.73
CA LEU B 157 -23.92 20.94 0.04
C LEU B 157 -25.43 20.65 -0.07
N ASP B 158 -25.94 20.58 -1.29
CA ASP B 158 -27.33 20.21 -1.55
C ASP B 158 -27.35 19.19 -2.66
N ASP B 159 -28.55 18.84 -3.11
CA ASP B 159 -28.70 17.91 -4.22
C ASP B 159 -28.19 18.49 -5.54
N ASN B 160 -28.01 19.80 -5.62
CA ASN B 160 -27.57 20.45 -6.85
C ASN B 160 -26.25 21.19 -6.72
N GLN B 161 -25.64 21.19 -5.53
CA GLN B 161 -24.39 21.90 -5.30
C GLN B 161 -23.38 20.97 -4.64
N ILE B 162 -22.15 21.00 -5.13
CA ILE B 162 -21.07 20.18 -4.59
C ILE B 162 -19.80 21.01 -4.56
N VAL B 163 -19.03 20.86 -3.48
CA VAL B 163 -17.73 21.51 -3.35
C VAL B 163 -16.65 20.47 -3.60
N THR B 164 -15.68 20.81 -4.42
CA THR B 164 -14.61 19.90 -4.82
C THR B 164 -13.25 20.51 -4.57
N SER B 165 -12.27 19.65 -4.31
CA SER B 165 -10.89 20.05 -4.11
C SER B 165 -10.00 19.28 -5.09
N SER B 166 -8.94 19.95 -5.54
CA SER B 166 -8.04 19.37 -6.53
C SER B 166 -6.60 19.71 -6.14
N GLY B 167 -5.67 18.98 -6.76
CA GLY B 167 -4.26 19.22 -6.53
C GLY B 167 -3.72 20.44 -7.26
N ASP B 168 -4.56 21.15 -8.00
CA ASP B 168 -4.14 22.35 -8.72
C ASP B 168 -4.16 23.58 -7.81
N THR B 169 -4.18 23.36 -6.49
CA THR B 169 -4.16 24.44 -5.53
C THR B 169 -5.43 25.29 -5.63
N THR B 170 -6.50 24.72 -6.18
CA THR B 170 -7.76 25.42 -6.37
C THR B 170 -8.92 24.56 -5.92
N CYS B 171 -9.94 25.22 -5.36
CA CYS B 171 -11.21 24.60 -5.01
C CYS B 171 -12.34 25.39 -5.68
N ALA B 172 -13.42 24.70 -5.99
CA ALA B 172 -14.51 25.32 -6.74
C ALA B 172 -15.84 24.77 -6.27
N LEU B 173 -16.89 25.55 -6.50
CA LEU B 173 -18.27 25.15 -6.25
C LEU B 173 -18.95 24.92 -7.58
N TRP B 174 -19.58 23.76 -7.75
CA TRP B 174 -20.15 23.33 -9.02
C TRP B 174 -21.66 23.24 -8.90
N ASP B 175 -22.37 23.79 -9.89
CA ASP B 175 -23.81 23.63 -10.03
C ASP B 175 -24.04 22.35 -10.82
N ILE B 176 -24.60 21.33 -10.17
CA ILE B 176 -24.74 20.02 -10.80
C ILE B 176 -25.65 20.09 -12.01
N GLU B 177 -26.69 20.93 -11.95
CA GLU B 177 -27.64 21.01 -13.05
C GLU B 177 -26.97 21.46 -14.34
N THR B 178 -26.08 22.45 -14.26
CA THR B 178 -25.39 22.98 -15.42
C THR B 178 -23.94 22.54 -15.54
N GLY B 179 -23.31 22.12 -14.44
CA GLY B 179 -21.93 21.67 -14.47
C GLY B 179 -20.90 22.77 -14.50
N GLN B 180 -21.31 24.02 -14.41
CA GLN B 180 -20.38 25.14 -14.45
C GLN B 180 -19.90 25.49 -13.03
N GLN B 181 -18.69 26.04 -12.96
CA GLN B 181 -18.12 26.44 -11.68
C GLN B 181 -18.77 27.74 -11.22
N THR B 182 -19.63 27.64 -10.21
CA THR B 182 -20.30 28.83 -9.67
C THR B 182 -19.35 29.72 -8.86
N THR B 183 -18.33 29.14 -8.23
CA THR B 183 -17.38 29.92 -7.45
C THR B 183 -16.06 29.17 -7.43
N THR B 184 -14.96 29.93 -7.32
CA THR B 184 -13.61 29.38 -7.29
C THR B 184 -12.87 29.93 -6.09
N PHE B 185 -12.10 29.07 -5.42
CA PHE B 185 -11.32 29.42 -4.25
C PHE B 185 -9.85 29.24 -4.58
N THR B 186 -9.06 30.29 -4.35
CA THR B 186 -7.63 30.28 -4.64
C THR B 186 -6.87 30.95 -3.51
N GLY B 187 -5.57 30.64 -3.41
CA GLY B 187 -4.73 31.22 -2.38
C GLY B 187 -3.70 30.26 -1.84
N HIS B 188 -3.93 28.95 -2.03
CA HIS B 188 -2.97 27.96 -1.58
C HIS B 188 -1.80 27.88 -2.56
N THR B 189 -0.58 27.86 -2.00
CA THR B 189 0.61 27.68 -2.83
C THR B 189 0.93 26.22 -3.09
N GLY B 190 0.24 25.29 -2.42
CA GLY B 190 0.45 23.87 -2.63
C GLY B 190 -0.84 23.13 -2.91
N ASP B 191 -0.76 21.80 -3.00
CA ASP B 191 -1.93 21.00 -3.30
C ASP B 191 -2.93 21.06 -2.16
N VAL B 192 -4.22 21.02 -2.49
CA VAL B 192 -5.30 21.00 -1.51
C VAL B 192 -5.67 19.53 -1.28
N MET B 193 -5.62 19.10 -0.02
CA MET B 193 -5.77 17.69 0.29
C MET B 193 -7.21 17.33 0.63
N SER B 194 -7.80 18.00 1.62
CA SER B 194 -9.09 17.59 2.16
C SER B 194 -9.99 18.81 2.36
N LEU B 195 -11.30 18.55 2.37
CA LEU B 195 -12.31 19.55 2.63
C LEU B 195 -13.17 19.12 3.80
N SER B 196 -13.78 20.09 4.48
CA SER B 196 -14.69 19.81 5.58
C SER B 196 -15.77 20.88 5.59
N LEU B 197 -17.03 20.45 5.55
CA LEU B 197 -18.14 21.39 5.57
C LEU B 197 -18.52 21.73 7.00
N ALA B 198 -18.80 23.00 7.25
CA ALA B 198 -19.21 23.44 8.57
C ALA B 198 -20.64 22.94 8.85
N PRO B 199 -21.04 22.87 10.12
CA PRO B 199 -22.41 22.41 10.42
C PRO B 199 -23.47 23.23 9.72
N ASP B 200 -23.28 24.54 9.60
CA ASP B 200 -24.23 25.39 8.89
C ASP B 200 -24.10 25.28 7.37
N THR B 201 -22.99 24.72 6.88
CA THR B 201 -22.72 24.53 5.45
C THR B 201 -22.44 25.84 4.71
N ARG B 202 -22.54 26.99 5.40
CA ARG B 202 -22.20 28.25 4.75
C ARG B 202 -20.69 28.40 4.61
N LEU B 203 -19.94 27.97 5.62
CA LEU B 203 -18.49 28.05 5.62
C LEU B 203 -17.88 26.65 5.52
N PHE B 204 -16.67 26.58 4.99
CA PHE B 204 -15.93 25.33 4.92
C PHE B 204 -14.44 25.64 5.00
N VAL B 205 -13.67 24.65 5.43
CA VAL B 205 -12.24 24.79 5.67
C VAL B 205 -11.52 23.70 4.90
N SER B 206 -10.42 24.09 4.24
CA SER B 206 -9.66 23.20 3.38
C SER B 206 -8.21 23.18 3.84
N GLY B 207 -7.62 21.98 3.83
CA GLY B 207 -6.21 21.80 4.15
C GLY B 207 -5.39 21.60 2.89
N ALA B 208 -4.15 22.09 2.93
CA ALA B 208 -3.27 22.03 1.77
C ALA B 208 -1.87 21.62 2.21
N CYS B 209 -0.99 21.46 1.23
CA CYS B 209 0.41 21.09 1.47
C CYS B 209 1.24 22.25 1.96
N ASP B 210 0.65 23.43 2.11
CA ASP B 210 1.38 24.63 2.55
C ASP B 210 1.65 24.65 4.04
N ALA B 211 1.41 23.54 4.75
CA ALA B 211 1.53 23.51 6.21
C ALA B 211 0.62 24.57 6.83
N SER B 212 -0.55 24.75 6.25
CA SER B 212 -1.49 25.77 6.70
C SER B 212 -2.89 25.36 6.29
N ALA B 213 -3.88 25.99 6.93
CA ALA B 213 -5.28 25.76 6.64
C ALA B 213 -5.98 27.09 6.44
N LYS B 214 -7.01 27.09 5.59
CA LYS B 214 -7.74 28.30 5.25
C LYS B 214 -9.23 28.04 5.34
N LEU B 215 -9.99 29.06 5.72
CA LEU B 215 -11.44 29.00 5.80
C LEU B 215 -12.03 29.83 4.67
N TRP B 216 -13.10 29.31 4.05
CA TRP B 216 -13.70 29.94 2.89
C TRP B 216 -15.21 30.02 3.08
N ASP B 217 -15.82 30.98 2.37
CA ASP B 217 -17.26 31.18 2.39
C ASP B 217 -17.80 30.85 1.00
N VAL B 218 -18.79 29.96 0.95
CA VAL B 218 -19.38 29.57 -0.33
C VAL B 218 -20.14 30.72 -0.97
N ARG B 219 -20.84 31.53 -0.17
CA ARG B 219 -21.63 32.62 -0.72
C ARG B 219 -20.78 33.79 -1.21
N GLU B 220 -19.58 33.97 -0.65
CA GLU B 220 -18.69 35.06 -1.05
C GLU B 220 -17.43 34.57 -1.76
N GLY B 221 -17.02 33.32 -1.54
CA GLY B 221 -15.85 32.80 -2.22
C GLY B 221 -14.56 33.52 -1.93
N MET B 222 -14.33 33.91 -0.68
CA MET B 222 -13.11 34.59 -0.30
C MET B 222 -12.66 34.07 1.07
N CYS B 223 -11.34 34.07 1.27
CA CYS B 223 -10.79 33.55 2.51
C CYS B 223 -11.05 34.51 3.67
N ARG B 224 -11.33 33.94 4.84
CA ARG B 224 -11.58 34.71 6.06
C ARG B 224 -10.45 34.59 7.07
N GLN B 225 -9.92 33.39 7.26
CA GLN B 225 -8.87 33.14 8.24
C GLN B 225 -7.82 32.22 7.66
N THR B 226 -6.60 32.37 8.15
CA THR B 226 -5.48 31.51 7.75
C THR B 226 -4.76 31.04 9.00
N PHE B 227 -4.46 29.75 9.05
CA PHE B 227 -3.80 29.13 10.20
C PHE B 227 -2.54 28.41 9.72
N THR B 228 -1.43 28.62 10.43
CA THR B 228 -0.15 28.05 10.05
C THR B 228 0.53 27.36 11.23
N GLY B 229 -0.24 26.59 12.00
CA GLY B 229 0.34 25.90 13.15
C GLY B 229 1.11 24.65 12.79
N HIS B 230 0.75 23.99 11.70
CA HIS B 230 1.41 22.76 11.30
C HIS B 230 2.72 23.04 10.57
N GLU B 231 3.48 21.98 10.34
CA GLU B 231 4.80 22.08 9.72
C GLU B 231 4.91 21.29 8.43
N SER B 232 3.89 20.52 8.07
CA SER B 232 3.93 19.73 6.84
C SER B 232 2.53 19.67 6.25
N ASP B 233 2.37 18.87 5.21
CA ASP B 233 1.12 18.80 4.47
C ASP B 233 -0.03 18.38 5.38
N ILE B 234 -1.19 19.01 5.18
CA ILE B 234 -2.37 18.75 5.99
C ILE B 234 -3.16 17.64 5.30
N ASN B 235 -3.08 16.43 5.85
CA ASN B 235 -3.74 15.28 5.23
C ASN B 235 -5.25 15.35 5.39
N ALA B 236 -5.74 15.80 6.54
CA ALA B 236 -7.17 15.79 6.82
C ALA B 236 -7.55 16.98 7.67
N ILE B 237 -8.84 17.33 7.64
CA ILE B 237 -9.38 18.43 8.41
C ILE B 237 -10.84 18.12 8.72
N CYS B 238 -11.27 18.52 9.92
CA CYS B 238 -12.63 18.29 10.36
C CYS B 238 -13.02 19.34 11.38
N PHE B 239 -14.25 19.85 11.27
CA PHE B 239 -14.73 20.88 12.18
C PHE B 239 -15.17 20.27 13.51
N PHE B 240 -14.93 21.00 14.59
CA PHE B 240 -15.48 20.64 15.88
C PHE B 240 -17.01 20.72 15.82
N PRO B 241 -17.72 19.83 16.53
CA PRO B 241 -19.19 19.78 16.35
C PRO B 241 -19.89 21.11 16.52
N ASN B 242 -19.45 21.97 17.45
CA ASN B 242 -20.07 23.28 17.59
C ASN B 242 -19.80 24.19 16.39
N GLY B 243 -18.81 23.85 15.56
CA GLY B 243 -18.50 24.63 14.38
C GLY B 243 -17.59 25.81 14.60
N ASN B 244 -17.17 26.07 15.84
CA ASN B 244 -16.28 27.18 16.14
C ASN B 244 -14.82 26.78 16.20
N ALA B 245 -14.50 25.51 15.93
CA ALA B 245 -13.12 25.04 15.97
C ALA B 245 -12.99 23.83 15.05
N PHE B 246 -11.75 23.49 14.74
CA PHE B 246 -11.48 22.36 13.86
C PHE B 246 -10.12 21.76 14.21
N ALA B 247 -9.93 20.51 13.80
CA ALA B 247 -8.69 19.78 14.00
C ALA B 247 -8.15 19.31 12.65
N THR B 248 -6.82 19.20 12.57
CA THR B 248 -6.14 18.88 11.32
C THR B 248 -5.10 17.79 11.55
N GLY B 249 -4.99 16.88 10.60
CA GLY B 249 -3.96 15.85 10.59
C GLY B 249 -2.93 16.17 9.51
N SER B 250 -1.66 15.98 9.83
CA SER B 250 -0.58 16.33 8.93
C SER B 250 0.51 15.27 9.00
N ASP B 251 1.48 15.38 8.08
CA ASP B 251 2.65 14.52 8.10
C ASP B 251 3.57 14.80 9.28
N ASP B 252 3.34 15.89 10.02
CA ASP B 252 4.13 16.20 11.20
C ASP B 252 3.97 15.15 12.29
N ALA B 253 2.96 14.29 12.21
CA ALA B 253 2.65 13.30 13.22
C ALA B 253 2.05 13.92 14.48
N THR B 254 1.52 15.15 14.37
CA THR B 254 0.98 15.87 15.50
C THR B 254 -0.31 16.55 15.08
N CYS B 255 -1.41 16.19 15.75
CA CYS B 255 -2.68 16.86 15.51
C CYS B 255 -2.71 18.20 16.27
N ARG B 256 -3.37 19.18 15.66
CA ARG B 256 -3.49 20.50 16.25
C ARG B 256 -4.94 20.96 16.17
N LEU B 257 -5.39 21.64 17.23
CA LEU B 257 -6.75 22.13 17.33
C LEU B 257 -6.75 23.64 17.15
N PHE B 258 -7.62 24.13 16.26
CA PHE B 258 -7.71 25.55 15.95
C PHE B 258 -9.14 26.02 16.16
N ASP B 259 -9.27 27.21 16.74
CA ASP B 259 -10.56 27.84 16.97
C ASP B 259 -10.66 29.09 16.10
N LEU B 260 -11.78 29.22 15.38
CA LEU B 260 -11.94 30.35 14.46
C LEU B 260 -11.93 31.68 15.20
N ARG B 261 -12.51 31.73 16.40
CA ARG B 261 -12.57 32.95 17.19
C ARG B 261 -11.25 33.26 17.88
N ALA B 262 -10.57 32.24 18.42
CA ALA B 262 -9.24 32.47 18.98
C ALA B 262 -8.23 32.80 17.89
N ASP B 263 -8.42 32.25 16.69
CA ASP B 263 -7.58 32.55 15.54
C ASP B 263 -6.14 32.06 15.73
N GLN B 264 -5.96 30.95 16.42
CA GLN B 264 -4.64 30.37 16.61
C GLN B 264 -4.79 28.98 17.21
N GLU B 265 -3.68 28.24 17.22
CA GLU B 265 -3.68 26.89 17.74
C GLU B 265 -4.02 26.89 19.22
N LEU B 266 -4.79 25.89 19.66
CA LEU B 266 -5.15 25.74 21.05
C LEU B 266 -4.43 24.56 21.71
N MET B 267 -4.44 23.41 21.06
CA MET B 267 -3.87 22.19 21.62
C MET B 267 -3.04 21.48 20.56
N THR B 268 -2.02 20.74 21.02
CA THR B 268 -1.18 19.94 20.17
C THR B 268 -1.14 18.52 20.72
N TYR B 269 -1.38 17.54 19.87
CA TYR B 269 -1.44 16.13 20.26
C TYR B 269 -0.28 15.39 19.62
N SER B 270 0.63 14.88 20.45
CA SER B 270 1.80 14.18 19.95
C SER B 270 2.46 13.43 21.10
N HIS B 271 3.35 12.52 20.73
CA HIS B 271 4.15 11.78 21.70
C HIS B 271 5.47 11.38 21.04
N ASP B 272 6.45 11.06 21.89
CA ASP B 272 7.77 10.71 21.38
C ASP B 272 7.74 9.45 20.52
N ASN B 273 6.98 8.44 20.94
CA ASN B 273 6.94 7.17 20.21
C ASN B 273 6.18 7.26 18.89
N ILE B 274 5.48 8.36 18.63
CA ILE B 274 4.70 8.54 17.42
C ILE B 274 5.46 9.52 16.52
N ILE B 275 5.91 9.04 15.36
CA ILE B 275 6.66 9.87 14.43
C ILE B 275 6.11 9.71 13.01
N CYS B 276 5.07 8.90 12.85
CA CYS B 276 4.49 8.62 11.55
C CYS B 276 3.42 9.65 11.20
N GLY B 277 3.16 9.81 9.91
CA GLY B 277 2.19 10.77 9.46
C GLY B 277 0.77 10.36 9.82
N ILE B 278 -0.13 11.33 9.82
CA ILE B 278 -1.53 11.12 10.16
C ILE B 278 -2.35 11.18 8.88
N THR B 279 -3.16 10.15 8.64
CA THR B 279 -3.88 10.05 7.37
C THR B 279 -5.26 10.68 7.45
N SER B 280 -5.98 10.51 8.55
CA SER B 280 -7.34 11.05 8.66
C SER B 280 -7.60 11.47 10.10
N VAL B 281 -8.57 12.37 10.26
CA VAL B 281 -8.97 12.87 11.57
C VAL B 281 -10.49 13.03 11.58
N SER B 282 -11.10 12.75 12.73
CA SER B 282 -12.55 12.81 12.86
C SER B 282 -12.89 13.17 14.30
N PHE B 283 -14.14 13.60 14.50
CA PHE B 283 -14.64 14.00 15.81
C PHE B 283 -15.75 13.06 16.26
N SER B 284 -15.77 12.77 17.55
CA SER B 284 -16.93 12.11 18.13
C SER B 284 -18.09 13.09 18.21
N LYS B 285 -19.29 12.57 18.49
CA LYS B 285 -20.46 13.43 18.53
C LYS B 285 -20.32 14.52 19.59
N SER B 286 -19.83 14.17 20.78
CA SER B 286 -19.61 15.16 21.83
C SER B 286 -18.35 15.98 21.59
N GLY B 287 -17.42 15.50 20.76
CA GLY B 287 -16.19 16.21 20.48
C GLY B 287 -15.09 16.00 21.51
N ARG B 288 -15.34 15.21 22.56
CA ARG B 288 -14.35 15.01 23.61
C ARG B 288 -13.19 14.13 23.15
N LEU B 289 -13.43 13.23 22.19
CA LEU B 289 -12.44 12.25 21.75
C LEU B 289 -12.06 12.53 20.30
N LEU B 290 -10.77 12.52 20.01
CA LEU B 290 -10.27 12.67 18.65
C LEU B 290 -9.93 11.30 18.07
N LEU B 291 -10.46 11.01 16.89
CA LEU B 291 -10.18 9.76 16.18
C LEU B 291 -9.34 10.09 14.95
N ALA B 292 -8.06 9.71 14.99
CA ALA B 292 -7.11 10.04 13.93
C ALA B 292 -6.46 8.75 13.44
N GLY B 293 -6.48 8.54 12.12
CA GLY B 293 -5.80 7.41 11.54
C GLY B 293 -4.32 7.68 11.35
N TYR B 294 -3.53 6.61 11.44
CA TYR B 294 -2.08 6.71 11.36
C TYR B 294 -1.54 5.68 10.38
N ASP B 295 -0.34 5.95 9.86
CA ASP B 295 0.30 5.02 8.94
C ASP B 295 0.77 3.75 9.63
N ASP B 296 0.74 3.71 10.96
CA ASP B 296 1.15 2.52 11.70
C ASP B 296 0.12 1.40 11.65
N PHE B 297 -0.91 1.52 10.81
CA PHE B 297 -1.96 0.52 10.63
C PHE B 297 -2.95 0.49 11.80
N ASN B 298 -2.95 1.51 12.65
CA ASN B 298 -3.87 1.58 13.78
C ASN B 298 -4.28 3.03 14.00
N CYS B 299 -5.43 3.20 14.64
CA CYS B 299 -5.95 4.52 14.99
C CYS B 299 -5.81 4.76 16.48
N ASN B 300 -5.64 6.02 16.85
CA ASN B 300 -5.47 6.42 18.24
C ASN B 300 -6.59 7.35 18.65
N VAL B 301 -7.02 7.21 19.90
CA VAL B 301 -8.05 8.05 20.50
C VAL B 301 -7.37 9.06 21.40
N TRP B 302 -7.45 10.34 21.02
CA TRP B 302 -6.82 11.42 21.75
C TRP B 302 -7.89 12.27 22.44
N ASP B 303 -7.68 12.57 23.71
CA ASP B 303 -8.59 13.43 24.45
C ASP B 303 -8.54 14.85 23.89
N ALA B 304 -9.67 15.36 23.41
CA ALA B 304 -9.69 16.69 22.82
C ALA B 304 -9.27 17.76 23.81
N LEU B 305 -9.51 17.54 25.10
CA LEU B 305 -9.17 18.53 26.12
C LEU B 305 -7.85 18.22 26.81
N LYS B 306 -7.67 17.00 27.31
CA LYS B 306 -6.47 16.63 28.03
C LYS B 306 -5.31 16.27 27.10
N ALA B 307 -5.57 16.06 25.82
CA ALA B 307 -4.52 15.73 24.84
C ALA B 307 -3.74 14.49 25.27
N ASP B 308 -4.45 13.48 25.75
CA ASP B 308 -3.86 12.21 26.15
C ASP B 308 -4.57 11.07 25.45
N ARG B 309 -3.82 10.01 25.16
CA ARG B 309 -4.38 8.87 24.44
C ARG B 309 -5.36 8.12 25.33
N ALA B 310 -6.56 7.85 24.80
CA ALA B 310 -7.56 7.10 25.54
C ALA B 310 -7.62 5.64 25.10
N GLY B 311 -7.26 5.36 23.85
CA GLY B 311 -7.30 3.99 23.37
C GLY B 311 -6.71 3.90 21.98
N VAL B 312 -6.62 2.66 21.49
CA VAL B 312 -6.07 2.38 20.18
C VAL B 312 -6.97 1.39 19.47
N LEU B 313 -7.18 1.63 18.17
CA LEU B 313 -7.98 0.76 17.31
C LEU B 313 -7.02 0.07 16.36
N ALA B 314 -6.52 -1.10 16.76
CA ALA B 314 -5.55 -1.86 15.98
C ALA B 314 -6.23 -3.09 15.42
N GLY B 315 -5.72 -3.59 14.30
CA GLY B 315 -6.29 -4.75 13.65
C GLY B 315 -6.24 -4.69 12.14
N HIS B 316 -5.87 -3.53 11.60
CA HIS B 316 -5.71 -3.37 10.16
C HIS B 316 -4.33 -3.83 9.71
N ASP B 317 -4.30 -4.50 8.56
CA ASP B 317 -3.06 -5.05 8.02
C ASP B 317 -2.37 -4.09 7.05
N ASN B 318 -2.93 -2.90 6.82
CA ASN B 318 -2.34 -1.95 5.90
C ASN B 318 -2.70 -0.54 6.36
N ARG B 319 -2.23 0.45 5.61
CA ARG B 319 -2.46 1.85 5.94
C ARG B 319 -3.95 2.13 6.07
N VAL B 320 -4.29 2.88 7.12
CA VAL B 320 -5.66 3.33 7.33
C VAL B 320 -5.91 4.56 6.45
N SER B 321 -6.52 4.35 5.29
CA SER B 321 -6.65 5.43 4.32
C SER B 321 -7.69 6.46 4.74
N CYS B 322 -8.74 6.04 5.43
CA CYS B 322 -9.84 6.94 5.77
C CYS B 322 -10.46 6.52 7.08
N LEU B 323 -11.16 7.47 7.71
CA LEU B 323 -11.84 7.24 8.97
C LEU B 323 -13.15 8.02 8.96
N GLY B 324 -14.23 7.38 9.37
CA GLY B 324 -15.54 8.01 9.35
C GLY B 324 -16.39 7.65 10.55
N VAL B 325 -17.12 8.63 11.08
CA VAL B 325 -17.99 8.45 12.24
C VAL B 325 -19.42 8.78 11.82
N THR B 326 -20.37 7.96 12.27
CA THR B 326 -21.77 8.19 11.96
C THR B 326 -22.22 9.55 12.47
N ASP B 327 -23.33 10.04 11.91
CA ASP B 327 -23.88 11.30 12.37
C ASP B 327 -24.28 11.25 13.84
N ASP B 328 -24.89 10.14 14.26
CA ASP B 328 -25.23 9.94 15.67
C ASP B 328 -24.03 9.55 16.51
N GLY B 329 -22.89 9.22 15.90
CA GLY B 329 -21.68 8.92 16.64
C GLY B 329 -21.67 7.58 17.32
N MET B 330 -22.60 6.69 17.01
CA MET B 330 -22.68 5.39 17.68
C MET B 330 -21.71 4.37 17.08
N ALA B 331 -21.13 4.64 15.92
CA ALA B 331 -20.22 3.70 15.30
C ALA B 331 -19.08 4.45 14.63
N VAL B 332 -17.93 3.79 14.53
CA VAL B 332 -16.74 4.35 13.90
C VAL B 332 -16.31 3.39 12.79
N ALA B 333 -16.35 3.87 11.55
CA ALA B 333 -15.92 3.06 10.43
C ALA B 333 -14.53 3.50 9.97
N THR B 334 -13.67 2.52 9.72
CA THR B 334 -12.29 2.77 9.32
C THR B 334 -11.99 2.01 8.04
N GLY B 335 -11.41 2.71 7.06
CA GLY B 335 -10.97 2.08 5.84
C GLY B 335 -9.46 1.97 5.79
N SER B 336 -8.98 0.94 5.09
CA SER B 336 -7.56 0.67 5.01
C SER B 336 -7.22 0.17 3.61
N TRP B 337 -5.94 0.26 3.27
CA TRP B 337 -5.47 -0.20 1.97
C TRP B 337 -5.59 -1.71 1.80
N ASP B 338 -5.84 -2.43 2.88
CA ASP B 338 -6.04 -3.88 2.80
C ASP B 338 -7.36 -4.26 2.14
N SER B 339 -8.23 -3.30 1.86
CA SER B 339 -9.52 -3.48 1.21
C SER B 339 -10.59 -3.98 2.18
N PHE B 340 -10.32 -3.97 3.48
CA PHE B 340 -11.28 -4.43 4.48
C PHE B 340 -11.77 -3.23 5.29
N LEU B 341 -13.09 -3.06 5.35
CA LEU B 341 -13.70 -2.00 6.14
C LEU B 341 -14.11 -2.57 7.49
N LYS B 342 -13.60 -1.96 8.57
CA LYS B 342 -13.88 -2.42 9.93
C LYS B 342 -14.67 -1.34 10.67
N ILE B 343 -15.77 -1.75 11.30
CA ILE B 343 -16.61 -0.86 12.08
C ILE B 343 -16.33 -1.09 13.56
N TRP B 344 -16.02 -0.01 14.28
CA TRP B 344 -15.67 -0.08 15.69
C TRP B 344 -16.76 0.59 16.52
N ASN B 345 -17.06 -0.02 17.66
CA ASN B 345 -18.09 0.49 18.56
C ASN B 345 -17.82 0.07 20.00
N THR C 6 5.09 40.96 -14.28
CA THR C 6 3.65 41.26 -14.08
C THR C 6 3.03 40.30 -13.06
N ALA C 7 3.36 39.02 -13.19
CA ALA C 7 2.80 38.01 -12.30
C ALA C 7 3.19 38.25 -10.86
N SER C 8 4.46 38.59 -10.62
CA SER C 8 4.94 38.75 -9.25
C SER C 8 4.20 39.88 -8.53
N ILE C 9 4.17 41.06 -9.15
CA ILE C 9 3.52 42.21 -8.51
C ILE C 9 2.01 42.00 -8.44
N ALA C 10 1.44 41.38 -9.47
CA ALA C 10 0.00 41.12 -9.46
C ALA C 10 -0.39 40.21 -8.31
N GLN C 11 0.40 39.16 -8.07
CA GLN C 11 0.11 38.26 -6.96
C GLN C 11 0.38 38.94 -5.62
N ALA C 12 1.46 39.74 -5.54
CA ALA C 12 1.81 40.39 -4.29
C ALA C 12 0.74 41.38 -3.86
N ARG C 13 0.19 42.14 -4.81
CA ARG C 13 -0.84 43.12 -4.46
C ARG C 13 -2.09 42.42 -3.92
N LYS C 14 -2.51 41.33 -4.56
CA LYS C 14 -3.67 40.59 -4.08
C LYS C 14 -3.40 39.98 -2.71
N LEU C 15 -2.19 39.46 -2.50
CA LEU C 15 -1.85 38.88 -1.20
C LEU C 15 -1.89 39.95 -0.11
N VAL C 16 -1.35 41.15 -0.41
CA VAL C 16 -1.40 42.24 0.56
C VAL C 16 -2.84 42.64 0.85
N GLU C 17 -3.67 42.72 -0.20
CA GLU C 17 -5.06 43.09 0.00
C GLU C 17 -5.77 42.08 0.90
N GLN C 18 -5.54 40.79 0.68
CA GLN C 18 -6.16 39.77 1.52
C GLN C 18 -5.65 39.85 2.95
N LEU C 19 -4.33 40.03 3.12
CA LEU C 19 -3.77 40.08 4.45
C LEU C 19 -4.26 41.30 5.22
N LYS C 20 -4.56 42.40 4.52
CA LYS C 20 -5.15 43.55 5.17
C LYS C 20 -6.51 43.21 5.76
N MET C 21 -7.33 42.46 5.03
CA MET C 21 -8.59 41.98 5.58
C MET C 21 -8.34 41.04 6.75
N GLU C 22 -7.33 40.18 6.65
CA GLU C 22 -7.02 39.26 7.74
C GLU C 22 -6.70 40.01 9.03
N ALA C 23 -6.13 41.21 8.92
CA ALA C 23 -5.77 41.97 10.11
C ALA C 23 -6.94 42.71 10.74
N ASN C 24 -8.10 42.74 10.07
CA ASN C 24 -9.29 43.44 10.57
C ASN C 24 -10.42 42.42 10.72
N ILE C 25 -10.50 41.81 11.89
CA ILE C 25 -11.53 40.83 12.20
C ILE C 25 -11.76 40.81 13.70
N ASP C 26 -13.03 40.71 14.09
CA ASP C 26 -13.38 40.63 15.51
C ASP C 26 -13.13 39.22 16.04
N ARG C 27 -12.55 39.15 17.23
CA ARG C 27 -12.17 37.88 17.84
C ARG C 27 -12.56 37.89 19.31
N ILE C 28 -12.40 36.74 19.96
CA ILE C 28 -12.80 36.54 21.34
C ILE C 28 -11.60 36.01 22.12
N LYS C 29 -11.58 36.25 23.43
CA LYS C 29 -10.48 35.80 24.27
C LYS C 29 -10.33 34.29 24.17
N VAL C 30 -9.08 33.82 24.11
CA VAL C 30 -8.82 32.40 23.93
C VAL C 30 -9.32 31.62 25.15
N SER C 31 -9.20 32.20 26.34
CA SER C 31 -9.73 31.54 27.53
C SER C 31 -11.23 31.36 27.44
N LYS C 32 -11.93 32.35 26.89
CA LYS C 32 -13.38 32.22 26.69
C LYS C 32 -13.68 31.09 25.72
N ALA C 33 -12.90 30.97 24.65
CA ALA C 33 -13.09 29.89 23.69
C ALA C 33 -12.86 28.54 24.34
N ALA C 34 -11.83 28.43 25.18
CA ALA C 34 -11.56 27.18 25.88
C ALA C 34 -12.69 26.84 26.84
N ALA C 35 -13.22 27.84 27.55
CA ALA C 35 -14.36 27.60 28.42
C ALA C 35 -15.58 27.14 27.65
N ASP C 36 -15.84 27.74 26.49
CA ASP C 36 -16.94 27.29 25.66
C ASP C 36 -16.72 25.86 25.18
N LEU C 37 -15.48 25.52 24.80
CA LEU C 37 -15.19 24.15 24.38
C LEU C 37 -15.45 23.16 25.51
N MET C 38 -15.00 23.47 26.73
CA MET C 38 -15.25 22.58 27.86
C MET C 38 -16.74 22.46 28.14
N ALA C 39 -17.47 23.58 28.08
CA ALA C 39 -18.90 23.53 28.31
C ALA C 39 -19.60 22.65 27.29
N TYR C 40 -19.24 22.79 26.00
CA TYR C 40 -19.83 21.95 24.97
C TYR C 40 -19.49 20.49 25.19
N CYS C 41 -18.24 20.19 25.55
CA CYS C 41 -17.84 18.80 25.75
C CYS C 41 -18.61 18.17 26.90
N GLU C 42 -18.76 18.91 28.01
CA GLU C 42 -19.41 18.35 29.18
C GLU C 42 -20.93 18.28 29.02
N ALA C 43 -21.54 19.24 28.32
CA ALA C 43 -22.98 19.28 28.19
C ALA C 43 -23.51 18.27 27.19
N HIS C 44 -22.65 17.72 26.34
CA HIS C 44 -23.06 16.75 25.32
C HIS C 44 -22.39 15.39 25.52
N ALA C 45 -21.84 15.13 26.71
CA ALA C 45 -21.12 13.89 26.93
C ALA C 45 -22.07 12.69 27.01
N LYS C 46 -23.29 12.89 27.53
CA LYS C 46 -24.19 11.77 27.80
C LYS C 46 -24.80 11.16 26.54
N GLU C 47 -25.03 11.94 25.49
CA GLU C 47 -25.60 11.40 24.27
C GLU C 47 -24.55 10.93 23.27
N ASP C 48 -23.33 10.68 23.73
CA ASP C 48 -22.25 10.17 22.88
C ASP C 48 -22.01 8.70 23.21
N PRO C 49 -22.44 7.77 22.36
CA PRO C 49 -22.24 6.35 22.69
C PRO C 49 -20.78 5.97 22.88
N LEU C 50 -19.86 6.58 22.14
CA LEU C 50 -18.44 6.25 22.31
C LEU C 50 -17.94 6.63 23.69
N LEU C 51 -18.29 7.83 24.17
CA LEU C 51 -17.86 8.26 25.49
C LEU C 51 -18.69 7.60 26.58
N THR C 52 -19.99 7.45 26.36
CA THR C 52 -20.90 6.79 27.30
C THR C 52 -21.48 5.57 26.61
N PRO C 53 -20.98 4.37 26.90
CA PRO C 53 -21.44 3.18 26.16
C PRO C 53 -22.95 3.03 26.22
N VAL C 54 -23.54 2.70 25.07
CA VAL C 54 -24.99 2.48 24.97
C VAL C 54 -25.29 1.09 25.54
N PRO C 55 -26.44 0.88 26.18
CA PRO C 55 -26.78 -0.47 26.65
C PRO C 55 -26.81 -1.45 25.49
N ALA C 56 -26.35 -2.67 25.76
CA ALA C 56 -26.20 -3.67 24.70
C ALA C 56 -27.53 -4.11 24.12
N SER C 57 -28.61 -4.05 24.89
CA SER C 57 -29.90 -4.56 24.44
C SER C 57 -30.49 -3.79 23.27
N GLU C 58 -30.09 -2.54 23.07
CA GLU C 58 -30.58 -1.74 21.97
C GLU C 58 -29.55 -1.49 20.87
N ASN C 59 -28.29 -1.83 21.08
CA ASN C 59 -27.28 -1.64 20.05
C ASN C 59 -27.60 -2.54 18.86
N PRO C 60 -27.72 -1.99 17.64
CA PRO C 60 -28.00 -2.84 16.48
C PRO C 60 -26.80 -3.62 15.98
N PHE C 61 -25.58 -3.11 16.18
CA PHE C 61 -24.38 -3.80 15.73
C PHE C 61 -24.08 -5.03 16.58
N ARG C 62 -24.36 -4.96 17.87
CA ARG C 62 -24.10 -6.09 18.77
C ARG C 62 -25.21 -7.12 18.67
N GLN D 2 5.32 28.25 12.27
CA GLN D 2 5.31 28.48 10.80
C GLN D 2 6.71 28.32 10.24
N VAL D 3 6.80 27.63 9.10
CA VAL D 3 8.10 27.38 8.48
C VAL D 3 8.58 28.64 7.78
N GLN D 4 9.79 29.08 8.11
CA GLN D 4 10.40 30.26 7.49
C GLN D 4 11.89 30.00 7.27
N LEU D 5 12.37 30.41 6.11
CA LEU D 5 13.78 30.28 5.75
C LEU D 5 14.30 31.63 5.29
N GLN D 6 15.51 31.98 5.73
CA GLN D 6 16.10 33.28 5.45
C GLN D 6 17.53 33.08 4.95
N GLU D 7 17.71 33.14 3.63
CA GLU D 7 19.05 33.07 3.07
C GLU D 7 19.81 34.37 3.35
N SER D 8 21.12 34.25 3.52
CA SER D 8 21.98 35.40 3.79
C SER D 8 23.21 35.32 2.91
N GLY D 9 23.81 36.49 2.65
CA GLY D 9 24.98 36.58 1.82
C GLY D 9 24.64 36.71 0.35
N GLY D 10 25.65 37.07 -0.43
CA GLY D 10 25.52 37.27 -1.85
C GLY D 10 26.38 38.42 -2.32
N GLY D 11 26.02 38.98 -3.46
CA GLY D 11 26.73 40.11 -4.03
C GLY D 11 27.44 39.73 -5.32
N LEU D 12 28.25 40.66 -5.80
CA LEU D 12 29.02 40.49 -7.03
C LEU D 12 30.49 40.37 -6.67
N VAL D 13 31.12 39.28 -7.14
CA VAL D 13 32.53 39.01 -6.87
C VAL D 13 33.21 38.60 -8.17
N GLN D 14 34.52 38.79 -8.21
CA GLN D 14 35.30 38.43 -9.39
C GLN D 14 35.43 36.90 -9.48
N PRO D 15 35.59 36.37 -10.69
CA PRO D 15 35.85 34.93 -10.83
C PRO D 15 36.89 34.45 -9.82
N GLY D 16 36.63 33.27 -9.24
CA GLY D 16 37.54 32.66 -8.30
C GLY D 16 37.38 33.12 -6.86
N GLY D 17 36.48 34.05 -6.59
CA GLY D 17 36.31 34.52 -5.22
C GLY D 17 35.60 33.49 -4.37
N SER D 18 35.75 33.65 -3.05
CA SER D 18 35.12 32.78 -2.06
C SER D 18 33.95 33.51 -1.41
N LEU D 19 32.80 32.85 -1.37
CA LEU D 19 31.58 33.44 -0.82
C LEU D 19 30.97 32.48 0.18
N ARG D 20 30.47 33.03 1.29
CA ARG D 20 29.85 32.25 2.35
C ARG D 20 28.36 32.59 2.41
N LEU D 21 27.52 31.60 2.10
CA LEU D 21 26.07 31.76 2.21
C LEU D 21 25.57 31.08 3.47
N SER D 22 24.50 31.63 4.03
CA SER D 22 23.94 31.12 5.27
C SER D 22 22.43 31.03 5.14
N CYS D 23 21.84 30.13 5.94
CA CYS D 23 20.39 29.91 5.93
C CYS D 23 19.95 29.78 7.39
N ALA D 24 19.44 30.86 7.95
CA ALA D 24 19.00 30.88 9.35
C ALA D 24 17.62 30.23 9.46
N ALA D 25 17.61 28.91 9.27
CA ALA D 25 16.38 28.15 9.37
C ALA D 25 15.77 28.32 10.77
N SER D 26 14.47 28.59 10.81
CA SER D 26 13.78 28.82 12.07
C SER D 26 12.32 28.46 11.92
N GLY D 27 11.64 28.29 13.05
CA GLY D 27 10.23 27.95 13.07
C GLY D 27 9.93 26.48 12.96
N PHE D 28 10.94 25.61 12.95
CA PHE D 28 10.72 24.18 12.85
C PHE D 28 11.91 23.44 13.45
N THR D 29 11.70 22.15 13.72
CA THR D 29 12.74 21.30 14.27
C THR D 29 13.77 21.04 13.18
N PHE D 30 14.90 21.75 13.26
CA PHE D 30 15.91 21.65 12.20
C PHE D 30 16.50 20.25 12.14
N SER D 31 16.72 19.61 13.29
CA SER D 31 17.37 18.31 13.32
C SER D 31 16.54 17.22 12.66
N ASN D 32 15.24 17.43 12.50
CA ASN D 32 14.34 16.37 12.01
C ASN D 32 14.11 16.40 10.51
N TYR D 33 14.73 17.34 9.78
CA TYR D 33 14.49 17.50 8.35
C TYR D 33 15.81 17.52 7.59
N LYS D 34 15.82 16.81 6.46
CA LYS D 34 16.96 16.87 5.56
C LYS D 34 16.94 18.19 4.79
N MET D 35 18.12 18.78 4.61
CA MET D 35 18.26 20.11 4.04
C MET D 35 19.03 20.05 2.73
N ASN D 36 18.58 20.80 1.75
CA ASN D 36 19.20 20.84 0.43
C ASN D 36 19.33 22.28 -0.04
N TRP D 37 20.35 22.53 -0.86
CA TRP D 37 20.55 23.82 -1.50
C TRP D 37 20.10 23.76 -2.96
N VAL D 38 19.44 24.82 -3.41
CA VAL D 38 18.95 24.92 -4.78
C VAL D 38 19.41 26.25 -5.36
N ARG D 39 19.56 26.29 -6.69
CA ARG D 39 19.94 27.50 -7.39
C ARG D 39 19.24 27.54 -8.73
N GLN D 40 19.13 28.74 -9.30
CA GLN D 40 18.46 28.96 -10.57
C GLN D 40 19.24 30.01 -11.35
N ALA D 41 19.94 29.59 -12.39
CA ALA D 41 20.65 30.53 -13.24
C ALA D 41 19.66 31.34 -14.07
N PRO D 42 20.02 32.57 -14.47
CA PRO D 42 19.10 33.38 -15.26
C PRO D 42 18.70 32.66 -16.54
N GLY D 43 17.41 32.73 -16.86
CA GLY D 43 16.89 32.14 -18.08
C GLY D 43 16.81 30.63 -18.08
N LYS D 44 16.95 29.99 -16.92
CA LYS D 44 16.94 28.53 -16.81
C LYS D 44 16.16 28.12 -15.58
N GLY D 45 15.76 26.84 -15.56
CA GLY D 45 14.94 26.34 -14.48
C GLY D 45 15.73 25.99 -13.23
N LEU D 46 15.00 25.56 -12.22
CA LEU D 46 15.61 25.22 -10.94
C LEU D 46 16.48 23.97 -11.07
N GLU D 47 17.57 23.94 -10.32
CA GLU D 47 18.49 22.81 -10.31
C GLU D 47 19.02 22.58 -8.90
N TRP D 48 19.09 21.31 -8.51
CA TRP D 48 19.60 20.95 -7.20
C TRP D 48 21.10 21.15 -7.13
N VAL D 49 21.59 21.59 -5.96
CA VAL D 49 23.00 21.90 -5.78
C VAL D 49 23.65 20.85 -4.88
N SER D 50 23.20 20.76 -3.64
CA SER D 50 23.78 19.85 -2.67
C SER D 50 22.76 19.56 -1.58
N ASP D 51 23.03 18.51 -0.81
CA ASP D 51 22.14 18.08 0.26
C ASP D 51 22.95 17.64 1.46
N ILE D 52 22.34 17.72 2.64
CA ILE D 52 22.94 17.28 3.89
C ILE D 52 21.90 16.52 4.69
N SER D 53 22.32 15.44 5.33
CA SER D 53 21.40 14.58 6.08
C SER D 53 21.04 15.22 7.41
N GLN D 54 20.33 14.46 8.24
CA GLN D 54 19.86 14.95 9.54
C GLN D 54 21.02 15.48 10.38
N SER D 55 21.97 14.61 10.70
CA SER D 55 23.12 14.98 11.52
C SER D 55 24.35 15.36 10.70
N GLY D 56 24.25 15.35 9.37
CA GLY D 56 25.37 15.66 8.52
C GLY D 56 26.32 14.52 8.26
N ALA D 57 25.99 13.31 8.71
CA ALA D 57 26.89 12.17 8.50
C ALA D 57 27.05 11.84 7.02
N SER D 58 26.08 12.18 6.18
CA SER D 58 26.14 11.90 4.75
C SER D 58 25.92 13.20 3.99
N ILE D 59 26.81 13.48 3.04
CA ILE D 59 26.73 14.69 2.23
C ILE D 59 26.92 14.31 0.77
N SER D 60 26.32 15.10 -0.12
CA SER D 60 26.44 14.88 -1.55
C SER D 60 26.43 16.22 -2.27
N TYR D 61 27.07 16.25 -3.43
CA TYR D 61 27.13 17.45 -4.25
C TYR D 61 26.92 17.06 -5.71
N THR D 62 26.40 18.01 -6.49
CA THR D 62 26.28 17.82 -7.92
C THR D 62 27.68 17.83 -8.55
N GLY D 63 27.82 17.12 -9.67
CA GLY D 63 29.13 17.00 -10.28
C GLY D 63 29.74 18.33 -10.67
N SER D 64 28.92 19.26 -11.16
CA SER D 64 29.43 20.56 -11.59
C SER D 64 29.91 21.43 -10.45
N VAL D 65 29.58 21.09 -9.20
CA VAL D 65 29.96 21.89 -8.05
C VAL D 65 30.65 21.03 -7.00
N LYS D 66 30.91 19.77 -7.33
CA LYS D 66 31.56 18.87 -6.39
C LYS D 66 32.95 19.40 -6.02
N GLY D 67 33.25 19.39 -4.73
CA GLY D 67 34.53 19.86 -4.24
C GLY D 67 34.57 21.36 -4.02
N ARG D 68 34.10 22.12 -5.01
CA ARG D 68 34.12 23.57 -4.91
C ARG D 68 33.25 24.05 -3.75
N PHE D 69 32.06 23.47 -3.61
CA PHE D 69 31.11 23.90 -2.60
C PHE D 69 31.09 22.92 -1.44
N THR D 70 30.91 23.47 -0.23
CA THR D 70 30.84 22.68 1.00
C THR D 70 29.55 23.03 1.72
N ILE D 71 28.77 22.02 2.08
CA ILE D 71 27.50 22.20 2.78
C ILE D 71 27.65 21.71 4.21
N SER D 72 27.24 22.55 5.17
CA SER D 72 27.33 22.20 6.57
C SER D 72 26.11 22.78 7.30
N ARG D 73 25.77 22.15 8.42
CA ARG D 73 24.65 22.57 9.24
C ARG D 73 25.05 22.54 10.71
N ASP D 74 24.42 23.39 11.50
CA ASP D 74 24.65 23.46 12.94
C ASP D 74 23.31 23.35 13.65
N ASN D 75 23.18 22.36 14.53
CA ASN D 75 21.95 22.18 15.28
C ASN D 75 21.84 23.11 16.48
N ALA D 76 22.95 23.41 17.14
CA ALA D 76 22.91 24.35 18.26
C ALA D 76 22.48 25.74 17.81
N LYS D 77 23.00 26.20 16.68
CA LYS D 77 22.62 27.50 16.12
C LYS D 77 21.44 27.41 15.17
N ASN D 78 21.05 26.22 14.75
CA ASN D 78 19.92 26.01 13.84
C ASN D 78 20.08 26.88 12.59
N THR D 79 21.19 26.61 11.88
CA THR D 79 21.51 27.36 10.67
C THR D 79 22.31 26.46 9.74
N LEU D 80 22.15 26.70 8.43
CA LEU D 80 22.82 25.95 7.39
C LEU D 80 23.77 26.85 6.63
N TYR D 81 24.92 26.31 6.24
CA TYR D 81 25.97 27.06 5.57
C TYR D 81 26.26 26.46 4.20
N LEU D 82 26.82 27.30 3.33
CA LEU D 82 27.28 26.88 2.00
C LEU D 82 28.53 27.69 1.67
N GLN D 83 29.69 27.06 1.84
CA GLN D 83 30.97 27.74 1.65
C GLN D 83 31.40 27.58 0.20
N MET D 84 31.32 28.65 -0.57
CA MET D 84 31.72 28.64 -1.97
C MET D 84 33.18 29.05 -2.11
N ASN D 85 33.89 28.35 -2.99
CA ASN D 85 35.31 28.63 -3.22
C ASN D 85 35.60 28.51 -4.71
N SER D 86 36.52 29.35 -5.17
CA SER D 86 36.94 29.37 -6.58
C SER D 86 35.72 29.44 -7.50
N LEU D 87 34.82 30.38 -7.22
CA LEU D 87 33.60 30.52 -8.00
C LEU D 87 33.92 30.82 -9.46
N LYS D 88 33.27 30.08 -10.35
CA LYS D 88 33.41 30.32 -11.79
C LYS D 88 32.31 31.26 -12.27
N PRO D 89 32.53 31.95 -13.40
CA PRO D 89 31.50 32.87 -13.90
C PRO D 89 30.16 32.18 -14.18
N GLU D 90 30.18 30.92 -14.58
CA GLU D 90 28.94 30.19 -14.85
C GLU D 90 28.16 29.88 -13.58
N ASP D 91 28.77 30.01 -12.41
CA ASP D 91 28.09 29.74 -11.15
C ASP D 91 27.06 30.81 -10.79
N THR D 92 27.02 31.92 -11.51
CA THR D 92 26.07 32.97 -11.20
C THR D 92 24.65 32.43 -11.23
N ALA D 93 23.92 32.65 -10.14
CA ALA D 93 22.54 32.19 -10.01
C ALA D 93 21.99 32.64 -8.67
N VAL D 94 20.67 32.67 -8.57
CA VAL D 94 20.00 32.93 -7.30
C VAL D 94 19.87 31.62 -6.55
N TYR D 95 20.39 31.57 -5.33
CA TYR D 95 20.45 30.35 -4.53
C TYR D 95 19.32 30.35 -3.50
N TYR D 96 18.60 29.24 -3.40
CA TYR D 96 17.51 29.08 -2.46
C TYR D 96 17.88 28.03 -1.42
N CYS D 97 17.35 28.22 -0.21
CA CYS D 97 17.50 27.27 0.88
C CYS D 97 16.22 26.44 0.93
N ALA D 98 16.36 25.12 0.75
CA ALA D 98 15.22 24.24 0.51
C ALA D 98 15.13 23.17 1.57
N ARG D 99 13.89 22.74 1.84
CA ARG D 99 13.60 21.66 2.77
C ARG D 99 12.49 20.81 2.19
N CYS D 100 12.64 19.49 2.27
CA CYS D 100 11.63 18.59 1.72
C CYS D 100 10.57 18.29 2.78
N PRO D 101 9.33 17.98 2.34
CA PRO D 101 8.17 18.21 3.22
C PRO D 101 8.19 17.44 4.52
N ALA D 102 8.65 16.19 4.55
CA ALA D 102 8.42 15.33 5.69
C ALA D 102 9.71 15.05 6.44
N PRO D 103 9.65 14.88 7.76
CA PRO D 103 10.84 14.53 8.53
C PRO D 103 11.07 13.02 8.53
N PHE D 104 12.26 12.64 9.01
CA PHE D 104 12.61 11.24 9.18
C PHE D 104 12.46 10.46 7.86
N THR D 105 12.83 11.09 6.75
CA THR D 105 12.74 10.46 5.45
C THR D 105 13.95 10.86 4.61
N ARG D 106 14.37 9.93 3.75
CA ARG D 106 15.55 10.17 2.92
C ARG D 106 15.22 10.73 1.54
N ASP D 107 13.94 10.80 1.19
CA ASP D 107 13.52 11.23 -0.14
C ASP D 107 12.98 12.65 -0.07
N CYS D 108 13.63 13.55 -0.80
CA CYS D 108 13.22 14.95 -0.88
C CYS D 108 12.68 15.26 -2.27
N PHE D 109 11.80 16.28 -2.32
CA PHE D 109 11.09 16.65 -3.55
C PHE D 109 11.09 18.16 -3.73
N ASP D 110 12.24 18.81 -3.50
CA ASP D 110 12.30 20.27 -3.51
C ASP D 110 12.87 20.86 -4.79
N VAL D 111 12.80 20.13 -5.91
CA VAL D 111 13.25 20.65 -7.20
C VAL D 111 12.03 21.10 -8.00
N THR D 112 10.94 21.39 -7.31
CA THR D 112 9.69 21.79 -7.95
C THR D 112 9.89 23.11 -8.70
N SER D 113 9.29 23.20 -9.89
CA SER D 113 9.39 24.44 -10.66
C SER D 113 8.46 25.50 -10.09
N THR D 114 7.17 25.18 -9.97
CA THR D 114 6.21 26.13 -9.42
C THR D 114 6.54 26.45 -7.97
N THR D 115 5.78 27.38 -7.39
CA THR D 115 6.01 27.79 -6.01
C THR D 115 6.05 26.58 -5.09
N TYR D 116 7.09 26.51 -4.28
CA TYR D 116 7.28 25.41 -3.35
C TYR D 116 7.18 25.93 -1.92
N ALA D 117 6.37 25.26 -1.10
CA ALA D 117 6.00 25.80 0.21
C ALA D 117 7.16 25.80 1.20
N TYR D 118 8.18 24.97 1.00
CA TYR D 118 9.24 24.78 1.98
C TYR D 118 10.61 25.15 1.43
N ARG D 119 10.70 26.28 0.74
CA ARG D 119 11.98 26.86 0.36
C ARG D 119 11.93 28.37 0.62
N GLY D 120 13.10 28.93 0.92
CA GLY D 120 13.20 30.34 1.21
C GLY D 120 13.17 31.19 -0.04
N GLN D 121 13.21 32.51 0.18
CA GLN D 121 13.18 33.47 -0.92
C GLN D 121 14.47 33.47 -1.73
N GLY D 122 15.60 33.12 -1.12
CA GLY D 122 16.86 33.03 -1.82
C GLY D 122 17.58 34.37 -1.89
N THR D 123 18.85 34.29 -2.29
CA THR D 123 19.71 35.45 -2.43
C THR D 123 20.42 35.39 -3.76
N GLN D 124 20.65 36.55 -4.36
CA GLN D 124 21.27 36.63 -5.68
C GLN D 124 22.79 36.60 -5.54
N VAL D 125 23.43 35.68 -6.25
CA VAL D 125 24.88 35.56 -6.29
C VAL D 125 25.31 35.74 -7.74
N THR D 126 26.21 36.69 -7.97
CA THR D 126 26.68 37.01 -9.31
C THR D 126 28.20 36.95 -9.36
N VAL D 127 28.73 36.34 -10.42
CA VAL D 127 30.17 36.26 -10.63
C VAL D 127 30.48 36.71 -12.05
N SER D 128 31.24 37.79 -12.19
CA SER D 128 31.61 38.31 -13.49
C SER D 128 32.95 39.03 -13.38
N SER D 129 33.62 39.17 -14.51
CA SER D 129 34.92 39.85 -14.55
C SER D 129 34.74 41.35 -14.41
N GLU E 224 5.77 -55.77 32.61
CA GLU E 224 6.54 -54.49 32.49
C GLU E 224 5.64 -53.38 31.94
N LYS E 225 5.46 -52.33 32.73
CA LYS E 225 4.66 -51.19 32.31
C LYS E 225 5.41 -50.37 31.28
N VAL E 226 4.67 -49.88 30.28
CA VAL E 226 5.24 -49.16 29.15
C VAL E 226 4.51 -47.84 28.97
N VAL E 227 5.27 -46.78 28.70
CA VAL E 227 4.68 -45.47 28.50
C VAL E 227 4.09 -45.32 27.10
N ILE E 228 4.26 -46.33 26.24
CA ILE E 228 3.78 -46.25 24.86
C ILE E 228 2.28 -45.98 24.80
N GLY E 229 1.54 -46.32 25.86
CA GLY E 229 0.10 -46.11 25.83
C GLY E 229 -0.28 -44.65 25.67
N SER E 230 0.42 -43.76 26.37
CA SER E 230 0.09 -42.34 26.32
C SER E 230 0.57 -41.71 25.02
N ILE E 231 1.69 -42.20 24.47
CA ILE E 231 2.30 -41.56 23.31
C ILE E 231 1.37 -41.60 22.12
N LEU E 232 0.76 -42.76 21.84
CA LEU E 232 -0.06 -42.89 20.65
C LEU E 232 -1.35 -42.09 20.76
N THR E 233 -2.00 -42.13 21.92
CA THR E 233 -3.20 -41.31 22.13
C THR E 233 -2.86 -39.83 22.01
N LEU E 234 -1.73 -39.42 22.57
CA LEU E 234 -1.30 -38.03 22.47
C LEU E 234 -1.08 -37.65 21.01
N ILE E 235 -0.46 -38.52 20.23
CA ILE E 235 -0.21 -38.24 18.82
C ILE E 235 -1.53 -38.08 18.08
N THR E 236 -2.48 -38.99 18.31
CA THR E 236 -3.77 -38.91 17.64
C THR E 236 -4.49 -37.62 18.01
N LEU E 237 -4.51 -37.28 19.30
CA LEU E 237 -5.17 -36.05 19.74
C LEU E 237 -4.51 -34.83 19.14
N LEU E 238 -3.18 -34.81 19.08
CA LEU E 238 -2.48 -33.68 18.49
C LEU E 238 -2.81 -33.53 17.02
N THR E 239 -2.83 -34.65 16.28
CA THR E 239 -3.18 -34.58 14.86
C THR E 239 -4.59 -34.05 14.67
N ILE E 240 -5.54 -34.55 15.46
CA ILE E 240 -6.92 -34.09 15.35
C ILE E 240 -7.00 -32.61 15.65
N ALA E 241 -6.35 -32.17 16.72
CA ALA E 241 -6.41 -30.77 17.11
C ALA E 241 -5.80 -29.87 16.05
N GLY E 242 -4.66 -30.28 15.50
CA GLY E 242 -4.02 -29.48 14.47
C GLY E 242 -4.87 -29.36 13.21
N ASN E 243 -5.42 -30.48 12.74
CA ASN E 243 -6.25 -30.43 11.54
C ASN E 243 -7.51 -29.59 11.78
N CYS E 244 -8.16 -29.77 12.93
CA CYS E 244 -9.34 -28.98 13.23
C CYS E 244 -9.00 -27.51 13.32
N LEU E 245 -7.87 -27.17 13.94
CA LEU E 245 -7.45 -25.78 14.05
C LEU E 245 -7.24 -25.18 12.66
N VAL E 246 -6.54 -25.92 11.78
CA VAL E 246 -6.26 -25.40 10.45
C VAL E 246 -7.56 -25.15 9.69
N VAL E 247 -8.44 -26.16 9.66
CA VAL E 247 -9.66 -26.03 8.88
C VAL E 247 -10.55 -24.94 9.45
N ILE E 248 -10.70 -24.88 10.77
CA ILE E 248 -11.59 -23.88 11.38
C ILE E 248 -11.01 -22.48 11.24
N SER E 249 -9.67 -22.35 11.25
CA SER E 249 -9.07 -21.05 11.04
C SER E 249 -9.25 -20.59 9.60
N VAL E 250 -9.13 -21.50 8.64
CA VAL E 250 -9.40 -21.13 7.25
C VAL E 250 -10.85 -20.73 7.07
N CYS E 251 -11.79 -21.47 7.67
CA CYS E 251 -13.20 -21.13 7.54
C CYS E 251 -13.55 -19.81 8.22
N PHE E 252 -13.01 -19.57 9.42
CA PHE E 252 -13.31 -18.36 10.19
C PHE E 252 -12.62 -17.13 9.59
N VAL E 253 -11.34 -17.25 9.26
CA VAL E 253 -10.60 -16.14 8.63
C VAL E 253 -10.94 -16.21 7.14
N LYS E 254 -11.92 -15.39 6.74
CA LYS E 254 -12.47 -15.48 5.39
C LYS E 254 -11.42 -15.16 4.33
N LYS E 255 -10.50 -14.24 4.63
CA LYS E 255 -9.50 -13.85 3.63
C LYS E 255 -8.59 -14.99 3.23
N LEU E 256 -8.49 -16.05 4.05
CA LEU E 256 -7.66 -17.19 3.69
C LEU E 256 -8.27 -18.04 2.59
N ARG E 257 -9.54 -17.82 2.25
CA ARG E 257 -10.22 -18.60 1.23
C ARG E 257 -9.74 -18.15 -0.15
N GLN E 258 -8.75 -18.87 -0.68
CA GLN E 258 -8.21 -18.59 -2.00
C GLN E 258 -7.92 -19.91 -2.69
N PRO E 259 -7.82 -19.92 -4.02
CA PRO E 259 -7.55 -21.19 -4.72
C PRO E 259 -6.28 -21.89 -4.24
N SER E 260 -5.23 -21.12 -3.94
CA SER E 260 -3.99 -21.73 -3.46
C SER E 260 -4.16 -22.38 -2.10
N ASN E 261 -5.22 -22.03 -1.36
CA ASN E 261 -5.43 -22.56 -0.02
C ASN E 261 -6.42 -23.71 0.02
N TYR E 262 -7.21 -23.92 -1.04
CA TYR E 262 -8.14 -25.04 -1.06
C TYR E 262 -7.41 -26.37 -1.04
N LEU E 263 -6.27 -26.46 -1.72
CA LEU E 263 -5.48 -27.69 -1.68
C LEU E 263 -5.01 -28.00 -0.27
N ILE E 264 -4.53 -26.97 0.45
CA ILE E 264 -4.10 -27.17 1.83
C ILE E 264 -5.28 -27.56 2.70
N VAL E 265 -6.44 -26.96 2.46
CA VAL E 265 -7.63 -27.30 3.23
C VAL E 265 -8.00 -28.76 3.01
N SER E 266 -7.95 -29.21 1.76
CA SER E 266 -8.24 -30.60 1.46
C SER E 266 -7.24 -31.54 2.11
N LEU E 267 -5.95 -31.18 2.10
CA LEU E 267 -4.94 -32.00 2.76
C LEU E 267 -5.22 -32.09 4.25
N ALA E 268 -5.57 -30.96 4.88
CA ALA E 268 -5.92 -30.97 6.29
C ALA E 268 -7.15 -31.81 6.57
N LEU E 269 -8.15 -31.76 5.69
CA LEU E 269 -9.33 -32.58 5.86
C LEU E 269 -9.00 -34.06 5.77
N ALA E 270 -8.13 -34.44 4.83
CA ALA E 270 -7.69 -35.82 4.73
C ALA E 270 -6.95 -36.26 5.98
N ASP E 271 -6.08 -35.38 6.50
CA ASP E 271 -5.36 -35.69 7.73
C ASP E 271 -6.34 -35.87 8.89
N LEU E 272 -7.36 -35.01 8.97
CA LEU E 272 -8.36 -35.14 10.02
C LEU E 272 -9.11 -36.46 9.90
N SER E 273 -9.48 -36.84 8.67
CA SER E 273 -10.14 -38.12 8.46
C SER E 273 -9.27 -39.27 8.94
N VAL E 274 -7.97 -39.21 8.62
CA VAL E 274 -7.06 -40.26 9.06
C VAL E 274 -7.01 -40.33 10.58
N ALA E 275 -6.86 -39.16 11.23
CA ALA E 275 -6.71 -39.14 12.67
C ALA E 275 -8.01 -39.52 13.38
N VAL E 276 -9.15 -39.35 12.72
CA VAL E 276 -10.42 -39.65 13.35
C VAL E 276 -10.78 -41.12 13.18
N ALA E 277 -10.68 -41.65 11.96
CA ALA E 277 -11.22 -42.97 11.64
C ALA E 277 -10.16 -43.99 11.26
N VAL E 278 -8.87 -43.69 11.44
CA VAL E 278 -7.83 -44.67 11.10
C VAL E 278 -6.94 -44.94 12.31
N MET E 279 -6.22 -43.92 12.78
CA MET E 279 -5.26 -44.14 13.85
C MET E 279 -5.88 -44.65 15.15
N PRO E 280 -6.99 -44.09 15.65
CA PRO E 280 -7.41 -44.49 17.01
C PRO E 280 -7.57 -45.99 17.19
N PHE E 281 -8.15 -46.67 16.20
CA PHE E 281 -8.33 -48.12 16.31
C PHE E 281 -7.01 -48.82 16.50
N VAL E 282 -6.02 -48.50 15.66
CA VAL E 282 -4.70 -49.09 15.81
C VAL E 282 -4.14 -48.74 17.19
N SER E 283 -4.07 -47.44 17.48
CA SER E 283 -3.41 -46.96 18.70
C SER E 283 -3.94 -47.68 19.93
N VAL E 284 -5.24 -47.95 19.98
CA VAL E 284 -5.80 -48.59 21.16
C VAL E 284 -5.64 -50.10 21.06
N THR E 285 -6.30 -50.71 20.06
CA THR E 285 -6.39 -52.16 20.03
C THR E 285 -5.05 -52.81 19.71
N ASP E 286 -4.39 -52.42 18.63
CA ASP E 286 -3.16 -53.09 18.24
C ASP E 286 -2.06 -52.85 19.27
N LEU E 287 -2.18 -51.81 20.09
CA LEU E 287 -1.18 -51.53 21.10
C LEU E 287 -1.43 -52.37 22.36
N ILE E 288 -2.66 -52.33 22.86
CA ILE E 288 -2.95 -53.01 24.13
C ILE E 288 -3.36 -54.45 23.86
N GLY E 289 -4.49 -54.64 23.18
CA GLY E 289 -4.96 -55.99 22.90
C GLY E 289 -4.08 -56.73 21.91
N GLY E 290 -3.64 -56.04 20.86
CA GLY E 290 -2.84 -56.67 19.83
C GLY E 290 -3.61 -57.65 18.95
N LYS E 291 -4.94 -57.57 18.93
CA LYS E 291 -5.76 -58.49 18.16
C LYS E 291 -6.95 -57.74 17.58
N TRP E 292 -7.52 -58.30 16.51
CA TRP E 292 -8.67 -57.70 15.83
C TRP E 292 -9.93 -58.15 16.54
N ILE E 293 -10.45 -57.28 17.42
CA ILE E 293 -11.63 -57.62 18.21
C ILE E 293 -12.91 -57.08 17.60
N PHE E 294 -12.84 -56.42 16.44
CA PHE E 294 -14.03 -55.82 15.84
C PHE E 294 -14.75 -56.74 14.86
N GLY E 295 -14.28 -57.97 14.69
CA GLY E 295 -14.97 -58.93 13.85
C GLY E 295 -14.54 -58.88 12.39
N HIS E 296 -15.19 -59.73 11.59
CA HIS E 296 -14.81 -59.87 10.20
C HIS E 296 -15.22 -58.65 9.37
N PHE E 297 -16.45 -58.19 9.56
CA PHE E 297 -16.98 -57.15 8.68
C PHE E 297 -16.19 -55.85 8.80
N PHE E 298 -15.81 -55.46 10.03
CA PHE E 298 -15.10 -54.21 10.22
C PHE E 298 -13.70 -54.23 9.61
N CYS E 299 -13.15 -55.42 9.35
CA CYS E 299 -11.81 -55.51 8.77
C CYS E 299 -11.77 -54.89 7.39
N ASN E 300 -12.74 -55.24 6.53
CA ASN E 300 -12.80 -54.70 5.18
C ASN E 300 -13.09 -53.21 5.16
N VAL E 301 -13.76 -52.68 6.18
CA VAL E 301 -14.03 -51.26 6.26
C VAL E 301 -12.74 -50.55 6.66
N PHE E 302 -12.08 -51.06 7.70
CA PHE E 302 -10.87 -50.41 8.20
C PHE E 302 -9.76 -50.40 7.17
N ILE E 303 -9.52 -51.54 6.52
CA ILE E 303 -8.42 -51.62 5.55
C ILE E 303 -8.69 -50.65 4.39
N ALA E 304 -9.89 -50.70 3.84
CA ALA E 304 -10.22 -49.84 2.71
C ALA E 304 -10.15 -48.37 3.09
N MET E 305 -10.66 -48.02 4.28
CA MET E 305 -10.64 -46.62 4.69
C MET E 305 -9.22 -46.13 4.89
N ASP E 306 -8.37 -46.93 5.55
CA ASP E 306 -6.98 -46.54 5.73
C ASP E 306 -6.28 -46.34 4.40
N VAL E 307 -6.43 -47.30 3.48
CA VAL E 307 -5.77 -47.20 2.19
C VAL E 307 -6.25 -45.95 1.45
N MET E 308 -7.57 -45.74 1.43
CA MET E 308 -8.13 -44.61 0.70
C MET E 308 -7.65 -43.29 1.28
N CYS E 309 -7.68 -43.15 2.60
CA CYS E 309 -7.27 -41.89 3.22
C CYS E 309 -5.79 -41.61 3.00
N CYS E 310 -4.94 -42.62 3.16
CA CYS E 310 -3.51 -42.41 2.96
C CYS E 310 -3.21 -42.05 1.51
N THR E 311 -3.83 -42.76 0.56
CA THR E 311 -3.64 -42.43 -0.85
C THR E 311 -4.13 -41.02 -1.16
N ALA E 312 -5.26 -40.63 -0.56
CA ALA E 312 -5.75 -39.27 -0.76
C ALA E 312 -4.77 -38.24 -0.23
N SER E 313 -4.18 -38.48 0.93
CA SER E 313 -3.19 -37.54 1.47
C SER E 313 -1.98 -37.45 0.55
N ILE E 314 -1.46 -38.59 0.09
CA ILE E 314 -0.29 -38.59 -0.78
C ILE E 314 -0.59 -37.83 -2.08
N MET E 315 -1.75 -38.11 -2.68
CA MET E 315 -2.06 -37.45 -3.94
C MET E 315 -2.43 -35.99 -3.75
N THR E 316 -2.94 -35.60 -2.58
CA THR E 316 -3.11 -34.18 -2.29
C THR E 316 -1.76 -33.48 -2.22
N LEU E 317 -0.77 -34.11 -1.59
CA LEU E 317 0.59 -33.56 -1.62
C LEU E 317 1.09 -33.43 -3.05
N CYS E 318 0.87 -34.47 -3.87
CA CYS E 318 1.32 -34.44 -5.26
C CYS E 318 0.65 -33.31 -6.02
N VAL E 319 -0.65 -33.12 -5.81
CA VAL E 319 -1.39 -32.07 -6.51
C VAL E 319 -0.91 -30.70 -6.05
N ILE E 320 -0.60 -30.55 -4.77
CA ILE E 320 -0.03 -29.29 -4.30
C ILE E 320 1.29 -29.00 -5.00
N SER E 321 2.14 -30.04 -5.11
CA SER E 321 3.41 -29.85 -5.81
C SER E 321 3.20 -29.48 -7.26
N ILE E 322 2.26 -30.13 -7.94
CA ILE E 322 1.99 -29.84 -9.34
C ILE E 322 1.47 -28.41 -9.49
N ASP E 323 0.57 -27.98 -8.59
CA ASP E 323 0.04 -26.63 -8.65
C ASP E 323 1.15 -25.61 -8.47
N ARG E 324 2.05 -25.86 -7.51
CA ARG E 324 3.19 -24.96 -7.32
C ARG E 324 4.06 -24.91 -8.57
N TYR E 325 4.31 -26.06 -9.17
CA TYR E 325 5.12 -26.09 -10.39
C TYR E 325 4.48 -25.28 -11.50
N LEU E 326 3.18 -25.46 -11.72
CA LEU E 326 2.50 -24.68 -12.76
C LEU E 326 2.52 -23.20 -12.44
N GLY E 327 2.29 -22.83 -11.18
CA GLY E 327 2.26 -21.42 -10.82
C GLY E 327 3.60 -20.74 -11.03
N ILE E 328 4.68 -21.38 -10.57
CA ILE E 328 5.99 -20.76 -10.68
C ILE E 328 6.48 -20.80 -12.13
N THR E 329 6.17 -21.85 -12.88
CA THR E 329 6.64 -21.97 -14.25
C THR E 329 5.90 -21.04 -15.19
N ARG E 330 4.61 -20.80 -14.95
CA ARG E 330 3.80 -19.97 -15.83
C ARG E 330 3.08 -18.90 -15.01
N PRO E 331 3.81 -17.97 -14.40
CA PRO E 331 3.15 -16.95 -13.57
C PRO E 331 2.16 -16.09 -14.32
N LEU E 332 2.41 -15.77 -15.59
CA LEU E 332 1.57 -14.83 -16.31
C LEU E 332 0.34 -15.49 -16.93
N THR E 333 0.29 -16.83 -16.98
CA THR E 333 -0.80 -17.54 -17.64
C THR E 333 -1.61 -18.42 -16.69
N TYR E 334 -0.94 -19.29 -15.94
CA TYR E 334 -1.64 -20.28 -15.12
C TYR E 334 -2.54 -19.64 -14.08
N PRO E 335 -2.09 -18.61 -13.36
CA PRO E 335 -2.95 -18.02 -12.32
C PRO E 335 -4.24 -17.45 -12.86
N VAL E 336 -4.33 -17.16 -14.17
CA VAL E 336 -5.57 -16.63 -14.74
C VAL E 336 -6.71 -17.61 -14.53
N ARG E 337 -6.45 -18.89 -14.78
CA ARG E 337 -7.45 -19.93 -14.66
C ARG E 337 -7.43 -20.63 -13.29
N GLN E 338 -6.62 -20.15 -12.35
CA GLN E 338 -6.64 -20.69 -11.00
C GLN E 338 -7.93 -20.25 -10.32
N ASN E 339 -8.89 -21.16 -10.23
CA ASN E 339 -10.19 -20.87 -9.65
C ASN E 339 -10.60 -22.00 -8.73
N GLY E 340 -11.52 -21.70 -7.82
CA GLY E 340 -11.95 -22.69 -6.84
C GLY E 340 -12.55 -23.93 -7.50
N LYS E 341 -13.22 -23.75 -8.63
CA LYS E 341 -13.82 -24.89 -9.32
C LYS E 341 -12.75 -25.88 -9.77
N CYS E 342 -11.65 -25.39 -10.31
CA CYS E 342 -10.57 -26.28 -10.75
C CYS E 342 -9.95 -27.01 -9.56
N MET E 343 -9.76 -26.31 -8.45
CA MET E 343 -9.22 -26.95 -7.25
C MET E 343 -10.14 -28.06 -6.78
N ALA E 344 -11.45 -27.78 -6.74
CA ALA E 344 -12.42 -28.78 -6.32
C ALA E 344 -12.42 -29.97 -7.27
N LYS E 345 -12.32 -29.72 -8.58
CA LYS E 345 -12.31 -30.81 -9.54
C LYS E 345 -11.08 -31.70 -9.35
N MET E 346 -9.90 -31.10 -9.15
CA MET E 346 -8.72 -31.91 -8.94
C MET E 346 -8.79 -32.68 -7.63
N ILE E 347 -9.34 -32.07 -6.58
CA ILE E 347 -9.51 -32.80 -5.33
C ILE E 347 -10.47 -33.97 -5.52
N LEU E 348 -11.55 -33.75 -6.28
CA LEU E 348 -12.49 -34.83 -6.55
C LEU E 348 -11.81 -35.97 -7.31
N SER E 349 -10.97 -35.64 -8.30
CA SER E 349 -10.25 -36.67 -9.02
C SER E 349 -9.30 -37.43 -8.10
N VAL E 350 -8.61 -36.72 -7.22
CA VAL E 350 -7.68 -37.36 -6.28
C VAL E 350 -8.44 -38.34 -5.40
N TRP E 351 -9.55 -37.89 -4.82
CA TRP E 351 -10.34 -38.78 -3.96
C TRP E 351 -10.91 -39.95 -4.73
N LEU E 352 -11.36 -39.72 -5.97
CA LEU E 352 -11.89 -40.80 -6.79
C LEU E 352 -10.84 -41.87 -7.02
N LEU E 353 -9.62 -41.46 -7.41
CA LEU E 353 -8.58 -42.46 -7.67
C LEU E 353 -8.17 -43.15 -6.37
N SER E 354 -8.10 -42.40 -5.27
CA SER E 354 -7.79 -43.00 -3.99
C SER E 354 -8.86 -44.01 -3.56
N ALA E 355 -10.09 -43.84 -4.03
CA ALA E 355 -11.15 -44.80 -3.74
C ALA E 355 -11.11 -46.00 -4.69
N SER E 356 -10.72 -45.78 -5.94
CA SER E 356 -10.67 -46.88 -6.90
C SER E 356 -9.65 -47.94 -6.51
N ILE E 357 -8.63 -47.56 -5.75
CA ILE E 357 -7.58 -48.51 -5.38
C ILE E 357 -8.14 -49.62 -4.49
N THR E 358 -9.19 -49.32 -3.73
CA THR E 358 -9.75 -50.28 -2.78
C THR E 358 -10.92 -51.08 -3.37
N LEU E 359 -11.12 -51.03 -4.68
CA LEU E 359 -12.22 -51.74 -5.32
C LEU E 359 -11.93 -53.24 -5.50
N PRO E 360 -10.74 -53.63 -5.93
CA PRO E 360 -10.50 -55.05 -6.24
C PRO E 360 -10.82 -55.96 -5.06
N PRO E 361 -10.47 -55.56 -3.83
CA PRO E 361 -10.85 -56.42 -2.69
C PRO E 361 -12.34 -56.62 -2.57
N LEU E 362 -13.15 -55.61 -2.91
CA LEU E 362 -14.59 -55.73 -2.77
C LEU E 362 -15.19 -56.65 -3.84
N PHE E 363 -14.54 -56.75 -5.00
CA PHE E 363 -15.04 -57.57 -6.11
C PHE E 363 -14.37 -58.94 -6.15
N GLY E 364 -13.58 -59.29 -5.14
CA GLY E 364 -13.00 -60.62 -5.05
C GLY E 364 -11.76 -60.83 -5.87
N TRP E 365 -11.24 -59.80 -6.55
CA TRP E 365 -10.00 -59.96 -7.30
C TRP E 365 -8.82 -60.27 -6.40
N ALA E 366 -8.75 -59.64 -5.23
CA ALA E 366 -7.68 -59.91 -4.27
C ALA E 366 -8.30 -59.83 -2.86
N GLN E 367 -8.71 -60.98 -2.35
CA GLN E 367 -9.34 -61.04 -1.04
C GLN E 367 -8.31 -60.77 0.06
N ASN E 368 -8.79 -60.22 1.16
CA ASN E 368 -7.91 -59.94 2.29
C ASN E 368 -7.43 -61.22 2.93
N VAL E 369 -6.32 -61.11 3.66
CA VAL E 369 -5.72 -62.25 4.35
C VAL E 369 -6.14 -62.21 5.81
N ASN E 370 -7.26 -61.55 6.08
CA ASN E 370 -7.73 -61.39 7.45
C ASN E 370 -8.05 -62.75 8.08
N ASP E 371 -8.28 -62.73 9.38
CA ASP E 371 -8.56 -63.93 10.15
C ASP E 371 -9.61 -63.59 11.20
N ASP E 372 -10.13 -64.61 11.87
CA ASP E 372 -11.12 -64.39 12.93
C ASP E 372 -10.57 -63.49 14.03
N LYS E 373 -9.25 -63.40 14.18
CA LYS E 373 -8.63 -62.56 15.18
C LYS E 373 -7.62 -61.57 14.62
N VAL E 374 -7.36 -61.60 13.31
CA VAL E 374 -6.34 -60.76 12.69
C VAL E 374 -6.93 -60.08 11.46
N CYS E 375 -6.53 -58.83 11.25
CA CYS E 375 -6.93 -58.04 10.09
C CYS E 375 -5.68 -57.52 9.39
N LEU E 376 -5.57 -57.77 8.09
CA LEU E 376 -4.40 -57.36 7.34
C LEU E 376 -4.76 -57.25 5.85
N ILE E 377 -4.05 -56.37 5.15
CA ILE E 377 -4.29 -56.17 3.73
C ILE E 377 -3.85 -57.41 2.95
N SER E 378 -4.49 -57.64 1.81
CA SER E 378 -4.13 -58.76 0.96
C SER E 378 -2.68 -58.63 0.49
N GLN E 379 -2.01 -59.78 0.38
CA GLN E 379 -0.59 -59.81 0.02
C GLN E 379 -0.33 -60.30 -1.40
N ASP E 380 -1.38 -60.49 -2.21
CA ASP E 380 -1.19 -60.99 -3.57
C ASP E 380 -0.41 -59.98 -4.39
N PHE E 381 0.48 -60.48 -5.25
CA PHE E 381 1.29 -59.60 -6.09
C PHE E 381 0.43 -58.74 -7.00
N GLY E 382 -0.54 -59.35 -7.68
CA GLY E 382 -1.31 -58.68 -8.70
C GLY E 382 -2.10 -57.49 -8.18
N TYR E 383 -2.31 -57.44 -6.87
CA TYR E 383 -3.01 -56.32 -6.26
C TYR E 383 -2.04 -55.43 -5.49
N THR E 384 -1.11 -56.05 -4.76
CA THR E 384 -0.19 -55.27 -3.94
C THR E 384 0.70 -54.38 -4.80
N ILE E 385 1.26 -54.93 -5.88
CA ILE E 385 2.16 -54.13 -6.71
C ILE E 385 1.41 -52.97 -7.35
N TYR E 386 0.21 -53.24 -7.88
CA TYR E 386 -0.59 -52.19 -8.49
C TYR E 386 -0.93 -51.11 -7.47
N SER E 387 -1.40 -51.52 -6.29
CA SER E 387 -1.79 -50.54 -5.27
C SER E 387 -0.61 -49.69 -4.83
N THR E 388 0.53 -50.31 -4.52
CA THR E 388 1.68 -49.52 -4.08
C THR E 388 2.18 -48.60 -5.18
N ALA E 389 2.23 -49.08 -6.43
CA ALA E 389 2.69 -48.22 -7.52
C ALA E 389 1.77 -47.03 -7.71
N VAL E 390 0.46 -47.25 -7.66
CA VAL E 390 -0.49 -46.16 -7.86
C VAL E 390 -0.44 -45.18 -6.69
N ALA E 391 -0.24 -45.70 -5.48
CA ALA E 391 -0.41 -44.87 -4.29
C ALA E 391 0.86 -44.06 -3.98
N PHE E 392 2.03 -44.69 -4.06
CA PHE E 392 3.26 -44.05 -3.57
C PHE E 392 4.27 -43.79 -4.67
N TYR E 393 4.65 -44.81 -5.44
CA TYR E 393 5.82 -44.68 -6.31
C TYR E 393 5.61 -43.61 -7.40
N ILE E 394 4.53 -43.69 -8.16
CA ILE E 394 4.30 -42.73 -9.24
C ILE E 394 4.09 -41.34 -8.65
N PRO E 395 3.22 -41.17 -7.64
CA PRO E 395 3.10 -39.85 -7.00
C PRO E 395 4.41 -39.35 -6.41
N MET E 396 5.21 -40.23 -5.81
CA MET E 396 6.48 -39.81 -5.23
C MET E 396 7.42 -39.30 -6.32
N SER E 397 7.51 -40.03 -7.44
CA SER E 397 8.37 -39.60 -8.54
C SER E 397 7.89 -38.27 -9.11
N VAL E 398 6.58 -38.10 -9.27
CA VAL E 398 6.05 -36.85 -9.78
C VAL E 398 6.40 -35.70 -8.84
N MET E 399 6.21 -35.92 -7.54
CA MET E 399 6.51 -34.89 -6.55
C MET E 399 7.98 -34.50 -6.59
N LEU E 400 8.87 -35.50 -6.63
CA LEU E 400 10.29 -35.21 -6.69
C LEU E 400 10.68 -34.47 -7.95
N PHE E 401 10.13 -34.86 -9.11
CA PHE E 401 10.43 -34.16 -10.35
C PHE E 401 9.96 -32.71 -10.29
N MET E 402 8.73 -32.50 -9.79
CA MET E 402 8.19 -31.15 -9.71
C MET E 402 9.03 -30.27 -8.78
N TYR E 403 9.44 -30.82 -7.63
CA TYR E 403 10.25 -30.05 -6.71
C TYR E 403 11.66 -29.80 -7.25
N TYR E 404 12.24 -30.74 -7.99
CA TYR E 404 13.52 -30.49 -8.63
C TYR E 404 13.40 -29.36 -9.65
N GLN E 405 12.33 -29.37 -10.44
CA GLN E 405 12.11 -28.29 -11.40
C GLN E 405 11.92 -26.96 -10.68
N ILE E 406 11.19 -26.96 -9.56
CA ILE E 406 10.98 -25.75 -8.80
C ILE E 406 12.30 -25.21 -8.28
N TYR E 407 13.15 -26.09 -7.74
CA TYR E 407 14.45 -25.66 -7.25
C TYR E 407 15.29 -25.08 -8.39
N LYS E 408 15.30 -25.75 -9.54
CA LYS E 408 16.07 -25.26 -10.67
C LYS E 408 15.60 -23.87 -11.09
N ALA E 409 14.28 -23.68 -11.22
CA ALA E 409 13.75 -22.39 -11.62
C ALA E 409 14.05 -21.32 -10.58
N ALA E 410 13.90 -21.65 -9.30
CA ALA E 410 14.14 -20.68 -8.25
C ALA E 410 15.59 -20.22 -8.24
N ARG E 411 16.53 -21.16 -8.35
CA ARG E 411 17.93 -20.79 -8.39
C ARG E 411 18.32 -20.07 -9.67
N LYS E 412 17.72 -20.42 -10.81
CA LYS E 412 17.96 -19.67 -12.04
C LYS E 412 17.50 -18.22 -11.88
N SER E 413 16.33 -18.02 -11.28
CA SER E 413 15.84 -16.67 -11.04
C SER E 413 16.76 -15.92 -10.07
N ALA E 414 17.20 -16.60 -9.01
CA ALA E 414 18.07 -15.95 -8.03
C ALA E 414 19.41 -15.56 -8.61
N ALA E 415 19.98 -16.38 -9.49
CA ALA E 415 21.29 -16.11 -10.06
C ALA E 415 21.31 -14.92 -11.01
N LYS E 416 20.22 -14.70 -11.77
CA LYS E 416 20.19 -13.60 -12.71
C LYS E 416 20.02 -12.24 -12.04
N HIS E 417 19.42 -12.20 -10.85
CA HIS E 417 19.25 -10.94 -10.13
C HIS E 417 20.52 -10.58 -9.37
N LYS E 418 21.64 -10.48 -10.08
CA LYS E 418 22.91 -10.15 -9.44
C LYS E 418 23.73 -9.30 -10.40
N PHE E 419 24.63 -8.52 -9.83
CA PHE E 419 25.53 -7.65 -10.57
C PHE E 419 26.92 -7.74 -9.95
N PRO E 420 27.96 -7.37 -10.69
CA PRO E 420 29.32 -7.40 -10.12
C PRO E 420 29.50 -6.48 -8.92
N GLY E 421 28.55 -5.59 -8.66
CA GLY E 421 28.62 -4.71 -7.50
C GLY E 421 28.14 -3.30 -7.80
N PHE E 422 28.23 -2.89 -9.07
CA PHE E 422 27.76 -1.57 -9.48
C PHE E 422 28.35 -0.46 -8.61
N PRO E 423 29.64 -0.59 -8.28
CA PRO E 423 30.31 0.39 -7.44
C PRO E 423 29.59 0.56 -6.11
N LYS E 468 18.68 -21.05 -0.63
CA LYS E 468 17.84 -20.69 0.51
C LYS E 468 16.56 -21.48 0.39
N ALA E 469 16.00 -21.50 -0.83
CA ALA E 469 14.89 -22.40 -1.12
C ALA E 469 15.29 -23.85 -0.93
N ALA E 470 16.58 -24.15 -1.07
CA ALA E 470 17.05 -25.52 -0.88
C ALA E 470 16.68 -26.02 0.51
N THR E 471 16.78 -25.16 1.52
CA THR E 471 16.46 -25.57 2.87
C THR E 471 15.00 -26.02 2.98
N THR E 472 14.07 -25.19 2.50
CA THR E 472 12.65 -25.53 2.61
C THR E 472 12.31 -26.77 1.80
N LEU E 473 12.80 -26.84 0.56
CA LEU E 473 12.49 -27.99 -0.28
C LEU E 473 13.06 -29.27 0.31
N GLY E 474 14.29 -29.21 0.82
CA GLY E 474 14.87 -30.38 1.48
C GLY E 474 14.10 -30.78 2.71
N ILE E 475 13.66 -29.80 3.51
CA ILE E 475 12.85 -30.11 4.68
C ILE E 475 11.61 -30.89 4.27
N ILE E 476 10.88 -30.37 3.28
CA ILE E 476 9.64 -31.01 2.86
C ILE E 476 9.91 -32.41 2.35
N VAL E 477 10.87 -32.55 1.44
CA VAL E 477 11.13 -33.85 0.81
C VAL E 477 11.65 -34.85 1.84
N GLY E 478 12.56 -34.42 2.71
CA GLY E 478 13.08 -35.33 3.72
C GLY E 478 12.03 -35.78 4.69
N ALA E 479 11.16 -34.86 5.13
CA ALA E 479 10.07 -35.26 6.01
C ALA E 479 9.20 -36.31 5.33
N PHE E 480 8.75 -36.02 4.10
CA PHE E 480 7.86 -36.94 3.41
C PHE E 480 8.52 -38.31 3.23
N THR E 481 9.79 -38.32 2.80
CA THR E 481 10.46 -39.58 2.52
C THR E 481 10.71 -40.37 3.80
N VAL E 482 11.26 -39.71 4.83
CA VAL E 482 11.55 -40.39 6.08
C VAL E 482 10.27 -40.94 6.70
N CYS E 483 9.14 -40.30 6.46
CA CYS E 483 7.90 -40.75 7.08
C CYS E 483 7.27 -41.92 6.29
N TRP E 484 7.15 -41.77 4.97
CA TRP E 484 6.37 -42.72 4.18
C TRP E 484 7.19 -43.78 3.46
N LEU E 485 8.42 -43.48 3.06
CA LEU E 485 9.16 -44.41 2.20
C LEU E 485 9.36 -45.77 2.86
N PRO E 486 9.84 -45.88 4.10
CA PRO E 486 10.11 -47.22 4.64
C PRO E 486 8.89 -48.13 4.67
N PHE E 487 7.73 -47.59 5.02
CA PHE E 487 6.53 -48.42 5.11
C PHE E 487 6.18 -49.03 3.75
N PHE E 488 6.17 -48.20 2.71
CA PHE E 488 5.86 -48.69 1.38
C PHE E 488 6.94 -49.64 0.85
N LEU E 489 8.21 -49.38 1.17
CA LEU E 489 9.27 -50.30 0.78
C LEU E 489 9.03 -51.68 1.39
N LEU E 490 8.74 -51.73 2.69
CA LEU E 490 8.48 -53.01 3.32
C LEU E 490 7.23 -53.67 2.75
N SER E 491 6.18 -52.88 2.51
CA SER E 491 4.95 -53.43 1.95
C SER E 491 5.17 -54.05 0.58
N THR E 492 5.95 -53.39 -0.28
CA THR E 492 6.30 -53.96 -1.58
C THR E 492 7.19 -55.18 -1.43
N ALA E 493 8.09 -55.19 -0.45
CA ALA E 493 8.94 -56.36 -0.20
C ALA E 493 8.27 -57.38 0.72
N ARG E 494 7.07 -57.08 1.22
CA ARG E 494 6.38 -58.01 2.11
C ARG E 494 6.18 -59.39 1.51
N PRO E 495 5.77 -59.53 0.24
CA PRO E 495 5.53 -60.88 -0.30
C PRO E 495 6.75 -61.78 -0.26
N PHE E 496 7.96 -61.23 -0.31
CA PHE E 496 9.19 -62.03 -0.26
C PHE E 496 9.48 -62.46 1.17
N ILE E 497 8.53 -63.22 1.74
CA ILE E 497 8.68 -63.72 3.10
C ILE E 497 9.82 -64.72 3.21
N CYS E 498 10.05 -65.52 2.18
CA CYS E 498 11.12 -66.52 2.19
C CYS E 498 10.91 -67.50 3.34
N CYS E 504 8.95 -63.95 7.47
CA CYS E 504 8.28 -63.04 8.40
C CYS E 504 9.21 -61.89 8.78
N ILE E 505 8.61 -60.81 9.28
CA ILE E 505 9.36 -59.62 9.69
C ILE E 505 8.98 -59.28 11.12
N PRO E 506 9.89 -58.75 11.94
CA PRO E 506 9.52 -58.43 13.33
C PRO E 506 8.38 -57.43 13.39
N LEU E 507 7.53 -57.60 14.40
CA LEU E 507 6.35 -56.75 14.53
C LEU E 507 6.73 -55.29 14.74
N TRP E 508 7.76 -55.03 15.55
CA TRP E 508 8.10 -53.66 15.90
C TRP E 508 8.47 -52.85 14.66
N VAL E 509 9.27 -53.41 13.75
CA VAL E 509 9.57 -52.70 12.51
C VAL E 509 8.33 -52.58 11.62
N GLU E 510 7.50 -53.63 11.58
CA GLU E 510 6.28 -53.56 10.77
C GLU E 510 5.35 -52.45 11.23
N ARG E 511 5.37 -52.09 12.51
CA ARG E 511 4.44 -51.10 13.04
C ARG E 511 5.05 -49.72 13.18
N THR E 512 6.36 -49.62 13.41
CA THR E 512 6.98 -48.30 13.55
C THR E 512 6.96 -47.54 12.23
N PHE E 513 7.14 -48.24 11.11
CA PHE E 513 7.06 -47.57 9.81
C PHE E 513 5.65 -47.06 9.53
N LEU E 514 4.63 -47.85 9.90
CA LEU E 514 3.25 -47.38 9.75
C LEU E 514 3.00 -46.17 10.63
N TRP E 515 3.54 -46.18 11.85
CA TRP E 515 3.34 -45.02 12.73
C TRP E 515 4.10 -43.80 12.21
N LEU E 516 5.23 -44.00 11.52
CA LEU E 516 5.87 -42.87 10.84
C LEU E 516 5.01 -42.38 9.68
N GLY E 517 4.35 -43.29 8.97
CA GLY E 517 3.43 -42.88 7.94
C GLY E 517 2.32 -42.02 8.49
N TYR E 518 1.82 -42.36 9.68
CA TYR E 518 0.83 -41.52 10.33
C TYR E 518 1.45 -40.22 10.87
N ALA E 519 2.71 -40.27 11.28
CA ALA E 519 3.39 -39.05 11.69
C ALA E 519 3.51 -38.07 10.54
N ASN E 520 3.56 -38.58 9.31
CA ASN E 520 3.51 -37.69 8.15
C ASN E 520 2.24 -36.85 8.17
N SER E 521 1.10 -37.49 8.43
CA SER E 521 -0.15 -36.75 8.57
C SER E 521 -0.09 -35.81 9.77
N LEU E 522 0.53 -36.25 10.85
CA LEU E 522 0.64 -35.42 12.05
C LEU E 522 1.40 -34.12 11.74
N ILE E 523 2.49 -34.22 10.98
CA ILE E 523 3.40 -33.09 10.84
C ILE E 523 2.98 -32.18 9.68
N ASN E 524 2.08 -32.64 8.82
CA ASN E 524 1.71 -31.84 7.65
C ASN E 524 1.29 -30.42 7.99
N PRO E 525 0.45 -30.16 9.01
CA PRO E 525 0.08 -28.77 9.30
C PRO E 525 1.28 -27.87 9.56
N PHE E 526 2.32 -28.39 10.21
CA PHE E 526 3.50 -27.59 10.53
C PHE E 526 4.37 -27.31 9.32
N ILE E 527 4.11 -27.93 8.18
CA ILE E 527 4.97 -27.79 7.00
C ILE E 527 4.34 -26.81 6.03
N TYR E 528 3.15 -27.13 5.54
CA TYR E 528 2.51 -26.32 4.49
C TYR E 528 1.89 -25.04 5.02
N ALA E 529 1.70 -24.92 6.34
CA ALA E 529 1.21 -23.67 6.91
C ALA E 529 2.35 -22.76 7.34
N PHE E 530 3.39 -23.34 7.97
CA PHE E 530 4.54 -22.54 8.37
C PHE E 530 5.29 -22.01 7.15
N PHE E 531 5.45 -22.81 6.11
CA PHE E 531 6.15 -22.42 4.91
C PHE E 531 5.19 -21.79 3.90
N ASN E 532 4.47 -20.78 4.37
CA ASN E 532 3.56 -20.02 3.51
C ASN E 532 3.34 -18.68 4.19
N ARG E 533 3.81 -17.60 3.55
CA ARG E 533 3.89 -16.31 4.23
C ARG E 533 2.52 -15.81 4.66
N ASP E 534 1.52 -15.93 3.77
CA ASP E 534 0.19 -15.44 4.12
C ASP E 534 -0.39 -16.18 5.31
N LEU E 535 -0.28 -17.52 5.31
CA LEU E 535 -0.76 -18.30 6.44
C LEU E 535 0.12 -18.08 7.68
N ARG E 536 1.42 -17.97 7.47
CA ARG E 536 2.34 -17.77 8.60
C ARG E 536 2.02 -16.49 9.35
N THR E 537 1.77 -15.40 8.63
CA THR E 537 1.48 -14.13 9.28
C THR E 537 0.04 -14.09 9.82
N THR E 538 -0.90 -14.67 9.09
CA THR E 538 -2.30 -14.57 9.48
C THR E 538 -2.57 -15.22 10.83
N TYR E 539 -2.01 -16.42 11.04
CA TYR E 539 -2.28 -17.15 12.27
C TYR E 539 -1.71 -16.44 13.51
N ARG E 540 -0.75 -15.54 13.33
CA ARG E 540 -0.23 -14.80 14.47
C ARG E 540 -1.28 -13.89 15.07
N SER E 541 -2.28 -13.49 14.28
CA SER E 541 -3.34 -12.62 14.78
C SER E 541 -4.27 -13.33 15.74
N LEU E 542 -4.23 -14.66 15.80
CA LEU E 542 -5.12 -15.41 16.68
C LEU E 542 -4.88 -15.09 18.15
N LEU E 543 -3.74 -14.50 18.51
CA LEU E 543 -3.48 -14.17 19.90
C LEU E 543 -4.51 -13.17 20.43
N GLN E 544 -4.87 -12.18 19.62
CA GLN E 544 -5.81 -11.15 20.04
C GLN E 544 -7.24 -11.47 19.62
N CYS E 545 -7.41 -12.12 18.48
CA CYS E 545 -8.76 -12.41 17.98
C CYS E 545 -9.54 -13.32 18.92
N GLN E 546 -8.87 -14.22 19.63
CA GLN E 546 -9.56 -15.14 20.52
C GLN E 546 -10.24 -14.43 21.69
N TYR E 547 -9.83 -13.21 22.01
CA TYR E 547 -10.44 -12.47 23.10
C TYR E 547 -11.65 -11.68 22.61
#